data_2V7X
#
_entry.id   2V7X
#
_cell.length_a   74.575
_cell.length_b   127.355
_cell.length_c   180.192
_cell.angle_alpha   90.00
_cell.angle_beta   90.00
_cell.angle_gamma   90.00
#
_symmetry.space_group_name_H-M   'C 2 2 21'
#
loop_
_entity.id
_entity.type
_entity.pdbx_description
1 polymer "5'-FLUORO-5'-DEOXYADENOSINE SYNTHASE"
2 non-polymer METHIONINE
3 non-polymer "5'-FLUORO-5'-DEOXYADENOSINE"
4 water water
#
_entity_poly.entity_id   1
_entity_poly.type   'polypeptide(L)'
_entity_poly.pdbx_seq_one_letter_code
;MAANSTRRPIIAFMSDLGTTDDSVAQCKGLMYSICPDVTVVDVCHSMTPWDVEEGARYIVDLPRFFPEGTVFATTTYPAT
GTTTRSVAVRIKQAAKGGARGQWAGSGAGFERAEGSYIYIAPNNGLLTTVLEEHGYLEAYEVTSPKVIPEQPEPTFYARE
MVAIPSAHLAAGFPLSEVGRPLEDHEIVRFNRPAVEQDGEALVGVVSAIDHPFGNVWTNIHRTDLEKAGIGYGARLRLTL
DGVLPFEAPLTPTFADAGEIGNIAIYLNSRGYLSIARNAASLAYPYHLKEGMSARVEAR
;
_entity_poly.pdbx_strand_id   A,B,C
#
# COMPACT_ATOMS: atom_id res chain seq x y z
N ARG A 8 1.38 5.36 23.39
CA ARG A 8 1.06 5.25 21.91
C ARG A 8 1.77 4.09 21.20
N PRO A 9 1.41 2.85 21.52
CA PRO A 9 2.15 1.73 20.93
C PRO A 9 2.12 1.69 19.40
N ILE A 10 3.22 1.21 18.82
CA ILE A 10 3.32 0.98 17.38
C ILE A 10 3.67 -0.48 17.12
N ILE A 11 2.96 -1.08 16.17
CA ILE A 11 3.38 -2.32 15.57
C ILE A 11 3.77 -2.00 14.14
N ALA A 12 5.04 -2.27 13.80
CA ALA A 12 5.48 -2.13 12.41
C ALA A 12 5.45 -3.54 11.85
N PHE A 13 4.70 -3.67 10.76
CA PHE A 13 4.26 -4.98 10.28
C PHE A 13 4.87 -5.19 8.91
N MET A 14 5.72 -6.22 8.81
CA MET A 14 6.36 -6.57 7.55
C MET A 14 5.95 -8.01 7.27
N SER A 15 5.31 -8.27 6.14
CA SER A 15 4.90 -9.62 5.82
C SER A 15 5.12 -9.92 4.36
N ASP A 16 4.80 -11.16 3.99
CA ASP A 16 4.79 -11.54 2.59
C ASP A 16 3.35 -11.66 2.12
N LEU A 17 2.42 -11.05 2.85
CA LEU A 17 1.00 -11.26 2.58
C LEU A 17 0.48 -10.53 1.36
N GLY A 18 1.25 -9.56 0.88
CA GLY A 18 0.84 -8.73 -0.24
C GLY A 18 -0.22 -7.76 0.20
N THR A 19 -0.67 -6.97 -0.73
CA THR A 19 -1.69 -6.01 -0.46
C THR A 19 -2.78 -6.13 -1.51
N THR A 20 -2.98 -7.34 -2.01
CA THR A 20 -3.98 -7.58 -3.04
C THR A 20 -5.26 -8.19 -2.50
N ASP A 21 -5.25 -8.56 -1.22
CA ASP A 21 -6.47 -9.02 -0.62
C ASP A 21 -6.52 -8.50 0.79
N ASP A 22 -7.48 -8.99 1.55
CA ASP A 22 -7.73 -8.46 2.88
C ASP A 22 -6.87 -9.11 3.97
N SER A 23 -5.84 -9.87 3.59
CA SER A 23 -5.03 -10.61 4.56
C SER A 23 -4.39 -9.73 5.63
N VAL A 24 -3.68 -8.70 5.20
CA VAL A 24 -3.06 -7.76 6.12
C VAL A 24 -4.14 -7.08 6.95
N ALA A 25 -5.26 -6.75 6.32
CA ALA A 25 -6.34 -6.05 7.03
C ALA A 25 -6.87 -6.94 8.15
N GLN A 26 -6.96 -8.26 7.93
CA GLN A 26 -7.39 -9.15 8.99
C GLN A 26 -6.46 -9.09 10.20
N CYS A 27 -5.17 -9.08 9.92
CA CYS A 27 -4.15 -8.94 10.94
C CYS A 27 -4.31 -7.63 11.67
N LYS A 28 -4.42 -6.55 10.92
CA LYS A 28 -4.63 -5.23 11.51
C LYS A 28 -5.90 -5.17 12.32
N GLY A 29 -7.01 -5.69 11.78
CA GLY A 29 -8.24 -5.74 12.55
C GLY A 29 -7.97 -6.33 13.94
N LEU A 30 -7.28 -7.45 13.99
CA LEU A 30 -6.98 -8.10 15.27
C LEU A 30 -6.01 -7.29 16.11
N MET A 31 -5.06 -6.63 15.47
CA MET A 31 -4.10 -5.79 16.21
C MET A 31 -4.85 -4.65 16.89
N TYR A 32 -5.77 -3.99 16.19
CA TYR A 32 -6.56 -2.95 16.81
C TYR A 32 -7.53 -3.49 17.84
N SER A 33 -8.01 -4.71 17.63
CA SER A 33 -8.87 -5.38 18.61
C SER A 33 -8.14 -5.61 19.92
N ILE A 34 -6.91 -6.10 19.82
CA ILE A 34 -6.13 -6.46 20.99
C ILE A 34 -5.52 -5.27 21.67
N CYS A 35 -5.08 -4.32 20.86
CA CYS A 35 -4.39 -3.16 21.35
C CYS A 35 -5.07 -1.93 20.77
N PRO A 36 -6.20 -1.52 21.38
CA PRO A 36 -7.06 -0.45 20.85
C PRO A 36 -6.32 0.83 20.48
N ASP A 37 -5.28 1.17 21.25
CA ASP A 37 -4.49 2.39 21.07
C ASP A 37 -3.39 2.28 20.03
N VAL A 38 -3.22 1.10 19.44
CA VAL A 38 -2.05 0.86 18.63
C VAL A 38 -2.09 1.65 17.33
N THR A 39 -0.90 1.94 16.80
CA THR A 39 -0.76 2.40 15.43
C THR A 39 -0.03 1.29 14.71
N VAL A 40 -0.65 0.77 13.67
CA VAL A 40 0.00 -0.26 12.88
C VAL A 40 0.67 0.45 11.71
N VAL A 41 1.98 0.31 11.60
CA VAL A 41 2.70 0.90 10.51
C VAL A 41 3.13 -0.24 9.60
N ASP A 42 2.73 -0.14 8.34
CA ASP A 42 3.15 -1.11 7.37
C ASP A 42 4.60 -0.86 7.06
N VAL A 43 5.40 -1.92 7.15
CA VAL A 43 6.75 -1.80 6.68
C VAL A 43 6.61 -2.03 5.19
N CYS A 44 6.28 -3.27 4.84
CA CYS A 44 5.96 -3.63 3.48
C CYS A 44 5.44 -5.07 3.50
N HIS A 45 4.68 -5.43 2.48
CA HIS A 45 4.03 -6.74 2.47
C HIS A 45 4.29 -7.46 1.17
N SER A 46 5.31 -7.00 0.45
CA SER A 46 5.53 -7.46 -0.91
C SER A 46 6.81 -8.29 -1.01
N MET A 47 7.41 -8.63 0.12
CA MET A 47 8.65 -9.40 0.09
C MET A 47 8.40 -10.71 -0.71
N THR A 48 9.43 -11.25 -1.36
CA THR A 48 9.30 -12.53 -2.04
C THR A 48 8.85 -13.55 -1.00
N PRO A 49 7.69 -14.18 -1.22
CA PRO A 49 7.26 -15.17 -0.26
C PRO A 49 8.32 -16.21 0.05
N TRP A 50 8.49 -16.49 1.34
CA TRP A 50 9.31 -17.60 1.84
C TRP A 50 10.80 -17.32 1.72
N ASP A 51 11.14 -16.14 1.25
CA ASP A 51 12.53 -15.77 1.10
C ASP A 51 12.95 -15.10 2.40
N VAL A 52 13.45 -15.89 3.36
CA VAL A 52 13.74 -15.32 4.69
C VAL A 52 14.85 -14.28 4.63
N GLU A 53 15.79 -14.47 3.72
CA GLU A 53 16.95 -13.59 3.63
C GLU A 53 16.53 -12.25 3.12
N GLU A 54 15.61 -12.23 2.15
CA GLU A 54 15.11 -10.99 1.62
C GLU A 54 14.24 -10.27 2.65
N GLY A 55 13.38 -11.04 3.31
CA GLY A 55 12.55 -10.46 4.34
C GLY A 55 13.40 -9.80 5.41
N ALA A 56 14.52 -10.42 5.73
CA ALA A 56 15.44 -9.90 6.74
C ALA A 56 15.91 -8.48 6.41
N ARG A 57 16.13 -8.20 5.14
CA ARG A 57 16.63 -6.90 4.70
C ARG A 57 15.64 -5.79 4.98
N TYR A 58 14.36 -6.12 5.02
CA TYR A 58 13.34 -5.08 5.21
C TYR A 58 13.09 -4.73 6.65
N ILE A 59 13.71 -5.49 7.55
CA ILE A 59 13.42 -5.32 8.98
C ILE A 59 14.66 -5.04 9.80
N VAL A 60 15.83 -5.34 9.27
CA VAL A 60 17.05 -5.24 10.06
C VAL A 60 17.39 -3.79 10.48
N ASP A 61 17.03 -2.84 9.61
CA ASP A 61 17.44 -1.45 9.76
C ASP A 61 16.34 -0.61 10.46
N LEU A 62 15.23 -1.25 10.84
CA LEU A 62 14.07 -0.51 11.30
C LEU A 62 14.18 0.15 12.67
N PRO A 63 14.81 -0.51 13.67
CA PRO A 63 14.69 -0.01 15.04
C PRO A 63 14.99 1.46 15.26
N ARG A 64 16.08 1.98 14.68
CA ARG A 64 16.49 3.33 15.04
C ARG A 64 15.49 4.35 14.53
N PHE A 65 14.63 3.94 13.60
CA PHE A 65 13.66 4.85 13.01
C PHE A 65 12.41 4.98 13.85
N PHE A 66 12.19 4.01 14.72
CA PHE A 66 10.92 3.93 15.41
C PHE A 66 11.03 4.33 16.85
N PRO A 67 9.91 4.84 17.42
CA PRO A 67 9.90 5.13 18.85
C PRO A 67 10.18 3.89 19.64
N GLU A 68 10.89 4.07 20.75
CA GLU A 68 11.18 2.99 21.65
C GLU A 68 9.87 2.37 22.07
N GLY A 69 9.89 1.04 22.22
CA GLY A 69 8.71 0.29 22.62
C GLY A 69 7.97 -0.22 21.39
N THR A 70 8.46 0.11 20.19
CA THR A 70 7.84 -0.39 18.96
C THR A 70 8.00 -1.91 18.89
N VAL A 71 6.95 -2.56 18.40
CA VAL A 71 7.01 -4.00 18.19
C VAL A 71 7.06 -4.20 16.70
N PHE A 72 8.01 -5.00 16.26
CA PHE A 72 8.11 -5.36 14.84
C PHE A 72 7.54 -6.74 14.65
N ALA A 73 6.43 -6.79 13.91
CA ALA A 73 5.76 -8.03 13.57
C ALA A 73 6.22 -8.35 12.17
N THR A 74 7.10 -9.33 12.05
CA THR A 74 7.80 -9.52 10.81
C THR A 74 7.66 -10.98 10.44
N THR A 75 7.11 -11.26 9.27
CA THR A 75 6.75 -12.62 8.96
C THR A 75 6.74 -13.00 7.47
N THR A 76 7.48 -14.06 7.15
CA THR A 76 7.12 -14.93 6.06
C THR A 76 7.06 -16.28 6.74
N TYR A 77 5.98 -17.02 6.50
CA TYR A 77 5.71 -18.16 7.38
C TYR A 77 5.42 -19.41 6.59
N PRO A 78 6.40 -19.89 5.78
CA PRO A 78 6.16 -21.12 5.03
C PRO A 78 5.90 -22.35 5.88
N ALA A 79 6.32 -22.32 7.16
CA ALA A 79 6.04 -23.43 8.09
C ALA A 79 4.71 -23.20 8.80
N THR A 80 3.85 -22.36 8.24
CA THR A 80 2.55 -22.12 8.84
C THR A 80 1.78 -23.42 9.02
N GLY A 81 1.11 -23.53 10.15
CA GLY A 81 0.29 -24.72 10.43
C GLY A 81 1.04 -25.89 11.00
N THR A 82 2.35 -25.73 11.19
CA THR A 82 3.16 -26.82 11.72
C THR A 82 3.37 -26.55 13.19
N THR A 83 4.15 -27.41 13.84
CA THR A 83 4.34 -27.31 15.29
C THR A 83 5.29 -26.16 15.60
N THR A 84 5.87 -25.56 14.57
CA THR A 84 6.74 -24.44 14.81
C THR A 84 6.00 -23.34 15.57
N ARG A 85 6.75 -22.58 16.34
CA ARG A 85 6.21 -21.44 17.03
C ARG A 85 7.12 -20.24 16.83
N SER A 86 6.51 -19.07 16.81
CA SER A 86 7.22 -17.84 16.65
C SER A 86 8.21 -17.63 17.76
N VAL A 87 9.21 -16.81 17.46
CA VAL A 87 10.13 -16.27 18.46
C VAL A 87 9.82 -14.79 18.67
N ALA A 88 9.79 -14.38 19.93
CA ALA A 88 9.66 -12.96 20.24
C ALA A 88 10.92 -12.56 20.98
N VAL A 89 11.62 -11.57 20.45
CA VAL A 89 12.90 -11.19 21.03
C VAL A 89 12.93 -9.70 21.33
N ARG A 90 13.51 -9.34 22.45
CA ARG A 90 13.81 -7.95 22.73
C ARG A 90 15.23 -7.75 22.27
N ILE A 91 15.41 -6.86 21.30
CA ILE A 91 16.75 -6.65 20.79
C ILE A 91 17.55 -5.80 21.78
N LYS A 92 18.85 -5.77 21.60
CA LYS A 92 19.70 -5.02 22.50
C LYS A 92 19.90 -3.61 21.98
N GLN A 93 20.81 -3.46 21.00
CA GLN A 93 21.21 -2.17 20.43
C GLN A 93 20.25 -1.82 19.31
N ALA A 94 19.72 -0.61 19.33
CA ALA A 94 18.86 -0.14 18.25
C ALA A 94 19.74 0.06 17.04
N ALA A 95 20.99 0.38 17.32
CA ALA A 95 22.07 0.37 16.34
C ALA A 95 21.91 1.47 15.34
N LYS A 96 23.00 2.21 15.17
CA LYS A 96 23.11 3.21 14.13
C LYS A 96 23.15 2.53 12.75
N GLY A 97 22.96 3.31 11.69
CA GLY A 97 22.96 2.74 10.35
C GLY A 97 23.25 3.80 9.31
N GLY A 98 22.99 3.46 8.06
CA GLY A 98 23.21 4.38 6.96
C GLY A 98 24.60 4.23 6.38
N ALA A 99 24.86 4.99 5.31
CA ALA A 99 26.17 5.04 4.66
C ALA A 99 27.29 5.31 5.68
N ARG A 100 26.97 6.13 6.69
CA ARG A 100 27.95 6.62 7.66
C ARG A 100 27.92 5.86 8.98
N GLY A 101 26.72 5.44 9.39
CA GLY A 101 26.53 4.79 10.69
C GLY A 101 26.19 5.85 11.75
N GLN A 102 24.91 6.21 11.82
CA GLN A 102 24.44 7.27 12.72
C GLN A 102 23.02 6.99 13.24
N TRP A 103 22.65 7.65 14.34
CA TRP A 103 21.25 7.72 14.77
C TRP A 103 20.44 8.46 13.72
N ALA A 104 19.17 8.07 13.60
CA ALA A 104 18.27 8.62 12.59
C ALA A 104 17.55 9.81 13.18
N GLY A 105 17.13 10.74 12.33
CA GLY A 105 16.36 11.88 12.81
C GLY A 105 17.06 13.19 12.60
N SER A 106 16.37 14.26 12.95
CA SER A 106 16.87 15.62 12.86
C SER A 106 17.99 15.84 13.86
N GLY A 107 18.74 16.91 13.67
CA GLY A 107 19.89 17.20 14.52
C GLY A 107 20.88 16.05 14.47
N ALA A 108 21.33 15.63 15.66
CA ALA A 108 22.28 14.54 15.76
C ALA A 108 21.59 13.18 15.75
N GLY A 109 20.27 13.18 15.54
CA GLY A 109 19.51 11.94 15.45
C GLY A 109 18.94 11.58 16.80
N PHE A 110 18.10 10.56 16.81
CA PHE A 110 17.40 10.17 18.02
C PHE A 110 18.08 8.94 18.57
N GLU A 111 18.75 9.12 19.69
CA GLU A 111 19.41 8.01 20.31
C GLU A 111 18.33 7.12 20.88
N ARG A 112 18.46 5.81 20.68
CA ARG A 112 17.48 4.88 21.16
C ARG A 112 18.06 4.05 22.27
N ALA A 113 17.36 3.95 23.40
CA ALA A 113 17.87 3.18 24.51
C ALA A 113 17.97 1.72 24.09
N GLU A 114 18.84 1.00 24.78
CA GLU A 114 18.96 -0.43 24.54
C GLU A 114 17.73 -1.15 25.04
N GLY A 115 17.44 -2.33 24.46
CA GLY A 115 16.31 -3.16 24.88
C GLY A 115 14.96 -2.53 24.59
N SER A 116 14.89 -1.69 23.57
CA SER A 116 13.71 -0.85 23.38
C SER A 116 12.77 -1.34 22.30
N TYR A 117 13.08 -2.49 21.70
CA TYR A 117 12.28 -2.98 20.58
C TYR A 117 12.12 -4.47 20.67
N ILE A 118 10.94 -4.94 20.28
CA ILE A 118 10.67 -6.35 20.24
C ILE A 118 10.39 -6.74 18.82
N TYR A 119 10.99 -7.84 18.40
CA TYR A 119 10.60 -8.44 17.14
C TYR A 119 9.86 -9.70 17.46
N ILE A 120 8.78 -9.95 16.74
CA ILE A 120 8.16 -11.23 16.81
C ILE A 120 8.09 -11.77 15.38
N ALA A 121 8.53 -12.99 15.21
CA ALA A 121 8.69 -13.53 13.88
C ALA A 121 8.57 -15.01 13.95
N PRO A 122 8.29 -15.65 12.82
CA PRO A 122 8.52 -17.07 12.75
C PRO A 122 9.95 -17.37 13.18
N ASN A 123 10.15 -18.50 13.82
CA ASN A 123 11.48 -18.89 14.16
C ASN A 123 12.06 -19.66 12.98
N ASN A 124 12.29 -18.94 11.90
CA ASN A 124 12.73 -19.57 10.65
C ASN A 124 13.95 -18.87 10.06
N GLY A 125 14.59 -18.04 10.87
CA GLY A 125 15.78 -17.35 10.45
C GLY A 125 15.51 -15.93 9.99
N LEU A 126 14.24 -15.54 9.91
CA LEU A 126 13.92 -14.20 9.44
C LEU A 126 14.70 -13.14 10.21
N LEU A 127 14.91 -13.40 11.50
CA LEU A 127 15.51 -12.41 12.38
C LEU A 127 17.03 -12.48 12.45
N THR A 128 17.63 -13.31 11.60
CA THR A 128 19.08 -13.55 11.64
C THR A 128 19.90 -12.25 11.67
N THR A 129 19.64 -11.35 10.72
CA THR A 129 20.41 -10.12 10.66
C THR A 129 20.01 -9.12 11.74
N VAL A 130 18.74 -9.15 12.12
CA VAL A 130 18.27 -8.36 13.24
C VAL A 130 19.11 -8.73 14.46
N LEU A 131 19.26 -10.02 14.71
CA LEU A 131 19.99 -10.46 15.89
C LEU A 131 21.46 -10.16 15.73
N GLU A 132 21.97 -10.37 14.53
CA GLU A 132 23.35 -10.09 14.23
C GLU A 132 23.70 -8.64 14.50
N GLU A 133 22.88 -7.73 13.98
CA GLU A 133 23.17 -6.31 14.05
C GLU A 133 22.75 -5.64 15.34
N HIS A 134 21.74 -6.17 16.01
CA HIS A 134 21.24 -5.52 17.22
C HIS A 134 21.52 -6.28 18.49
N GLY A 135 21.83 -7.55 18.37
CA GLY A 135 21.93 -8.43 19.54
C GLY A 135 20.55 -8.57 20.12
N TYR A 136 20.44 -9.34 21.18
CA TYR A 136 19.18 -9.42 21.88
C TYR A 136 19.41 -9.65 23.36
N LEU A 137 18.42 -9.27 24.15
CA LEU A 137 18.51 -9.38 25.58
C LEU A 137 17.73 -10.58 26.04
N GLU A 138 16.67 -10.90 25.33
CA GLU A 138 15.83 -12.03 25.69
C GLU A 138 15.03 -12.52 24.52
N ALA A 139 14.84 -13.82 24.44
CA ALA A 139 14.08 -14.40 23.34
C ALA A 139 13.17 -15.47 23.91
N TYR A 140 11.94 -15.49 23.43
CA TYR A 140 10.95 -16.44 23.93
C TYR A 140 10.20 -17.07 22.80
N GLU A 141 9.82 -18.32 23.02
CA GLU A 141 8.98 -19.02 22.10
C GLU A 141 7.59 -18.53 22.36
N VAL A 142 6.84 -18.28 21.29
CA VAL A 142 5.49 -17.73 21.42
C VAL A 142 4.48 -18.86 21.41
N THR A 143 4.05 -19.24 22.59
CA THR A 143 3.22 -20.43 22.74
C THR A 143 1.97 -20.18 23.58
N SER A 144 1.98 -19.13 24.39
CA SER A 144 0.90 -18.93 25.34
C SER A 144 -0.41 -18.62 24.65
N PRO A 145 -1.49 -19.34 25.02
CA PRO A 145 -2.80 -19.06 24.42
C PRO A 145 -3.34 -17.70 24.84
N LYS A 146 -2.65 -17.03 25.75
CA LYS A 146 -2.95 -15.63 26.06
C LYS A 146 -2.57 -14.73 24.90
N VAL A 147 -1.63 -15.18 24.06
CA VAL A 147 -1.14 -14.33 22.96
C VAL A 147 -1.27 -14.91 21.57
N ILE A 148 -1.57 -16.21 21.47
CA ILE A 148 -1.87 -16.83 20.18
C ILE A 148 -3.21 -17.59 20.29
N PRO A 149 -3.84 -17.88 19.15
CA PRO A 149 -5.08 -18.66 19.17
C PRO A 149 -4.85 -20.05 19.72
N GLU A 150 -5.84 -20.56 20.44
CA GLU A 150 -5.82 -21.93 20.88
C GLU A 150 -5.89 -22.86 19.68
N GLN A 151 -6.65 -22.43 18.69
CA GLN A 151 -6.80 -23.19 17.45
C GLN A 151 -6.36 -22.29 16.30
N PRO A 152 -5.05 -22.17 16.11
CA PRO A 152 -4.59 -21.24 15.08
C PRO A 152 -4.95 -21.75 13.68
N GLU A 153 -5.38 -20.84 12.79
CA GLU A 153 -5.64 -21.15 11.39
C GLU A 153 -4.38 -21.74 10.82
N PRO A 154 -4.45 -23.00 10.31
CA PRO A 154 -3.30 -23.74 9.78
C PRO A 154 -2.46 -22.95 8.78
N THR A 155 -3.12 -22.31 7.83
CA THR A 155 -2.40 -21.63 6.76
C THR A 155 -2.14 -20.15 7.03
N PHE A 156 -2.48 -19.67 8.21
CA PHE A 156 -2.34 -18.23 8.45
C PHE A 156 -1.56 -17.91 9.73
N TYR A 157 -0.43 -18.58 9.93
CA TYR A 157 0.38 -18.29 11.09
C TYR A 157 0.89 -16.84 11.12
N ALA A 158 1.00 -16.19 9.95
CA ALA A 158 1.38 -14.77 9.94
C ALA A 158 0.44 -13.98 10.84
N ARG A 159 -0.83 -14.35 10.82
CA ARG A 159 -1.83 -13.69 11.66
C ARG A 159 -1.79 -14.28 13.07
N GLU A 160 -1.87 -15.60 13.15
CA GLU A 160 -2.04 -16.31 14.41
C GLU A 160 -0.83 -16.20 15.34
N MET A 161 0.36 -16.28 14.74
CA MET A 161 1.62 -16.46 15.52
C MET A 161 2.49 -15.25 15.39
N VAL A 162 2.04 -14.22 14.69
CA VAL A 162 2.85 -13.01 14.58
C VAL A 162 1.98 -11.81 14.85
N ALA A 163 1.02 -11.53 13.96
CA ALA A 163 0.15 -10.36 14.16
C ALA A 163 -0.49 -10.33 15.53
N ILE A 164 -1.22 -11.40 15.85
CA ILE A 164 -1.96 -11.44 17.08
C ILE A 164 -1.05 -11.24 18.30
N PRO A 165 -0.04 -12.11 18.49
CA PRO A 165 0.84 -11.89 19.63
C PRO A 165 1.58 -10.57 19.60
N SER A 166 1.93 -10.06 18.41
CA SER A 166 2.55 -8.74 18.34
C SER A 166 1.67 -7.66 18.97
N ALA A 167 0.36 -7.80 18.80
CA ALA A 167 -0.58 -6.83 19.34
C ALA A 167 -0.67 -6.96 20.85
N HIS A 168 -0.60 -8.19 21.35
CA HIS A 168 -0.52 -8.38 22.84
C HIS A 168 0.72 -7.76 23.41
N LEU A 169 1.84 -7.94 22.72
CA LEU A 169 3.10 -7.31 23.15
C LEU A 169 2.97 -5.78 23.10
N ALA A 170 2.37 -5.27 22.04
CA ALA A 170 2.14 -3.83 21.92
C ALA A 170 1.25 -3.35 23.07
N ALA A 171 0.27 -4.17 23.41
CA ALA A 171 -0.67 -3.88 24.50
C ALA A 171 -0.05 -4.04 25.89
N GLY A 172 1.20 -4.49 25.98
CA GLY A 172 1.90 -4.52 27.27
C GLY A 172 1.90 -5.88 27.88
N PHE A 173 1.45 -6.87 27.14
CA PHE A 173 1.60 -8.25 27.62
C PHE A 173 3.10 -8.49 27.87
N PRO A 174 3.46 -9.00 29.07
CA PRO A 174 4.89 -9.15 29.37
C PRO A 174 5.53 -10.13 28.41
N LEU A 175 6.64 -9.71 27.82
CA LEU A 175 7.34 -10.50 26.81
C LEU A 175 7.66 -11.89 27.32
N SER A 176 8.15 -11.97 28.56
CA SER A 176 8.59 -13.22 29.14
C SER A 176 7.43 -14.20 29.37
N GLU A 177 6.20 -13.70 29.28
CA GLU A 177 5.03 -14.55 29.47
C GLU A 177 4.50 -15.19 28.16
N VAL A 178 5.10 -14.88 27.01
CA VAL A 178 4.58 -15.43 25.75
C VAL A 178 4.90 -16.90 25.63
N GLY A 179 5.90 -17.33 26.40
CA GLY A 179 6.29 -18.72 26.38
C GLY A 179 7.67 -18.85 26.96
N ARG A 180 8.22 -20.06 26.83
CA ARG A 180 9.51 -20.40 27.42
C ARG A 180 10.66 -19.61 26.77
N PRO A 181 11.69 -19.27 27.58
CA PRO A 181 12.89 -18.67 26.99
C PRO A 181 13.52 -19.60 25.97
N LEU A 182 13.94 -19.03 24.85
CA LEU A 182 14.70 -19.80 23.87
C LEU A 182 16.18 -19.59 24.12
N GLU A 183 16.93 -20.68 24.14
CA GLU A 183 18.37 -20.61 24.10
C GLU A 183 18.79 -20.20 22.69
N ASP A 184 19.97 -19.59 22.60
CA ASP A 184 20.44 -18.99 21.37
C ASP A 184 20.43 -19.98 20.20
N HIS A 185 20.88 -21.20 20.46
CA HIS A 185 20.93 -22.23 19.43
C HIS A 185 19.54 -22.60 18.90
N GLU A 186 18.49 -22.28 19.68
CA GLU A 186 17.11 -22.58 19.30
C GLU A 186 16.51 -21.53 18.39
N ILE A 187 17.23 -20.43 18.21
CA ILE A 187 16.76 -19.39 17.31
C ILE A 187 17.41 -19.70 15.97
N VAL A 188 16.56 -20.10 15.02
CA VAL A 188 17.03 -20.50 13.72
C VAL A 188 17.70 -19.30 13.04
N ARG A 189 18.84 -19.55 12.44
CA ARG A 189 19.55 -18.55 11.68
C ARG A 189 19.77 -19.06 10.27
N PHE A 190 19.77 -18.15 9.31
CA PHE A 190 20.28 -18.47 8.00
C PHE A 190 21.76 -18.09 7.94
N ASN A 191 22.50 -18.75 7.05
CA ASN A 191 23.89 -18.44 6.84
C ASN A 191 23.97 -17.24 5.91
N ARG A 192 24.65 -16.22 6.38
CA ARG A 192 24.86 -15.01 5.65
C ARG A 192 26.09 -15.24 4.78
N PRO A 193 25.91 -15.38 3.45
CA PRO A 193 27.04 -15.50 2.53
C PRO A 193 28.06 -14.41 2.79
N ALA A 194 29.32 -14.79 2.92
CA ALA A 194 30.38 -13.85 3.21
C ALA A 194 30.81 -13.10 1.95
N VAL A 195 31.23 -11.85 2.13
CA VAL A 195 31.94 -11.08 1.11
C VAL A 195 33.36 -11.62 1.09
N GLU A 196 33.72 -12.26 -0.01
CA GLU A 196 35.02 -12.91 -0.15
C GLU A 196 36.04 -11.93 -0.71
N GLN A 197 37.32 -12.16 -0.38
CA GLN A 197 38.41 -11.41 -1.02
C GLN A 197 39.03 -12.31 -2.08
N ASP A 198 39.01 -11.83 -3.31
CA ASP A 198 39.61 -12.54 -4.43
C ASP A 198 40.73 -11.67 -4.97
N GLY A 199 41.91 -11.80 -4.37
CA GLY A 199 43.00 -10.85 -4.58
C GLY A 199 42.68 -9.59 -3.80
N GLU A 200 42.69 -8.45 -4.50
CA GLU A 200 42.38 -7.13 -3.93
C GLU A 200 40.88 -6.82 -4.04
N ALA A 201 40.22 -7.51 -4.97
CA ALA A 201 38.79 -7.37 -5.20
C ALA A 201 37.93 -8.00 -4.10
N LEU A 202 36.85 -7.31 -3.76
CA LEU A 202 35.87 -7.87 -2.84
C LEU A 202 34.74 -8.44 -3.68
N VAL A 203 34.37 -9.67 -3.38
CA VAL A 203 33.40 -10.39 -4.20
C VAL A 203 32.20 -10.72 -3.35
N GLY A 204 31.05 -10.23 -3.80
CA GLY A 204 29.80 -10.47 -3.12
C GLY A 204 28.75 -10.70 -4.16
N VAL A 205 27.54 -10.26 -3.86
CA VAL A 205 26.41 -10.49 -4.73
C VAL A 205 25.57 -9.23 -4.76
N VAL A 206 24.76 -9.10 -5.79
CA VAL A 206 23.70 -8.13 -5.75
C VAL A 206 22.71 -8.63 -4.72
N SER A 207 22.58 -7.87 -3.64
CA SER A 207 21.70 -8.26 -2.55
C SER A 207 20.25 -7.95 -2.85
N ALA A 208 20.02 -6.87 -3.61
CA ALA A 208 18.68 -6.39 -3.89
C ALA A 208 18.74 -5.46 -5.06
N ILE A 209 17.67 -5.46 -5.85
CA ILE A 209 17.42 -4.35 -6.75
C ILE A 209 16.58 -3.38 -5.93
N ASP A 210 17.02 -2.15 -5.90
CA ASP A 210 16.35 -1.17 -5.10
C ASP A 210 15.18 -0.61 -5.90
N HIS A 211 14.01 -1.22 -5.73
CA HIS A 211 12.80 -0.75 -6.42
C HIS A 211 12.24 0.46 -5.70
N PRO A 212 11.58 1.37 -6.43
CA PRO A 212 11.28 1.28 -7.86
C PRO A 212 12.32 1.96 -8.73
N PHE A 213 13.52 2.18 -8.21
CA PHE A 213 14.52 2.94 -8.98
C PHE A 213 15.41 2.12 -9.89
N GLY A 214 15.56 0.85 -9.55
CA GLY A 214 16.44 0.01 -10.32
C GLY A 214 17.88 0.23 -9.92
N ASN A 215 18.09 0.68 -8.69
CA ASN A 215 19.44 0.75 -8.17
C ASN A 215 19.87 -0.63 -7.82
N VAL A 216 21.18 -0.87 -7.84
CA VAL A 216 21.68 -2.19 -7.54
C VAL A 216 22.41 -2.12 -6.21
N TRP A 217 21.94 -2.90 -5.25
CA TRP A 217 22.58 -2.97 -3.96
C TRP A 217 23.39 -4.24 -3.89
N THR A 218 24.59 -4.15 -3.34
CA THR A 218 25.42 -5.33 -3.12
C THR A 218 25.47 -5.65 -1.63
N ASN A 219 25.99 -6.81 -1.30
CA ASN A 219 26.16 -7.14 0.11
C ASN A 219 27.56 -6.75 0.56
N ILE A 220 28.23 -5.94 -0.26
CA ILE A 220 29.55 -5.43 0.11
C ILE A 220 29.36 -4.16 0.94
N HIS A 221 29.65 -4.27 2.24
CA HIS A 221 29.38 -3.21 3.19
C HIS A 221 30.46 -2.14 3.18
N ARG A 222 30.12 -0.94 3.63
CA ARG A 222 31.09 0.12 3.85
C ARG A 222 32.28 -0.44 4.62
N THR A 223 31.99 -1.25 5.65
CA THR A 223 33.05 -1.80 6.48
C THR A 223 34.02 -2.65 5.65
N ASP A 224 33.49 -3.40 4.68
CA ASP A 224 34.32 -4.19 3.78
C ASP A 224 35.17 -3.30 2.90
N LEU A 225 34.65 -2.14 2.54
CA LEU A 225 35.37 -1.19 1.70
C LEU A 225 36.51 -0.48 2.45
N GLU A 226 36.22 0.00 3.67
CA GLU A 226 37.23 0.71 4.46
C GLU A 226 38.28 -0.24 5.02
N LYS A 227 38.00 -1.53 4.94
CA LYS A 227 38.97 -2.59 5.22
C LYS A 227 39.88 -2.81 4.00
N ALA A 228 39.47 -2.27 2.86
CA ALA A 228 40.31 -2.39 1.66
C ALA A 228 40.96 -1.06 1.34
N GLY A 229 40.80 -0.09 2.26
CA GLY A 229 41.24 1.29 2.03
C GLY A 229 40.37 2.08 1.05
N ILE A 230 39.18 1.54 0.77
CA ILE A 230 38.23 2.17 -0.16
C ILE A 230 37.29 3.12 0.58
N GLY A 231 37.41 4.39 0.23
CA GLY A 231 36.52 5.42 0.73
C GLY A 231 36.02 6.23 -0.46
N TYR A 232 35.14 7.19 -0.19
CA TYR A 232 34.64 8.06 -1.24
C TYR A 232 35.80 8.64 -2.03
N GLY A 233 35.64 8.72 -3.35
CA GLY A 233 36.67 9.27 -4.23
C GLY A 233 37.48 8.20 -4.94
N ALA A 234 37.47 6.99 -4.40
CA ALA A 234 38.17 5.85 -4.99
C ALA A 234 37.53 5.46 -6.32
N ARG A 235 38.36 5.40 -7.37
CA ARG A 235 37.92 4.90 -8.66
C ARG A 235 37.75 3.41 -8.58
N LEU A 236 36.54 2.96 -8.86
CA LEU A 236 36.21 1.56 -8.68
C LEU A 236 35.83 0.93 -9.98
N ARG A 237 36.17 -0.35 -10.09
CA ARG A 237 35.57 -1.22 -11.07
C ARG A 237 34.62 -2.13 -10.32
N LEU A 238 33.34 -2.07 -10.70
CA LEU A 238 32.33 -2.91 -10.10
C LEU A 238 31.74 -3.74 -11.21
N THR A 239 32.03 -5.04 -11.13
CA THR A 239 31.62 -5.96 -12.15
C THR A 239 30.40 -6.73 -11.67
N LEU A 240 29.32 -6.61 -12.42
CA LEU A 240 28.11 -7.33 -12.10
C LEU A 240 27.94 -8.53 -13.01
N ASP A 241 27.36 -9.60 -12.46
CA ASP A 241 27.01 -10.81 -13.22
C ASP A 241 28.22 -11.42 -13.92
N GLY A 242 29.41 -11.00 -13.49
CA GLY A 242 30.66 -11.57 -13.94
C GLY A 242 31.13 -11.06 -15.29
N VAL A 243 30.40 -10.08 -15.84
CA VAL A 243 30.70 -9.58 -17.21
C VAL A 243 30.64 -8.06 -17.39
N LEU A 244 30.08 -7.35 -16.41
CA LEU A 244 29.79 -5.90 -16.57
C LEU A 244 30.67 -5.04 -15.69
N PRO A 245 31.81 -4.56 -16.22
CA PRO A 245 32.76 -3.96 -15.29
C PRO A 245 32.59 -2.45 -15.22
N PHE A 246 31.47 -2.02 -14.65
CA PHE A 246 31.16 -0.61 -14.50
C PHE A 246 32.30 0.09 -13.81
N GLU A 247 32.55 1.33 -14.18
CA GLU A 247 33.61 2.07 -13.54
C GLU A 247 33.12 3.45 -13.14
N ALA A 248 33.37 3.80 -11.88
CA ALA A 248 33.03 5.11 -11.38
C ALA A 248 33.79 5.32 -10.09
N PRO A 249 33.98 6.58 -9.70
CA PRO A 249 34.46 6.79 -8.35
C PRO A 249 33.35 6.44 -7.35
N LEU A 250 33.74 6.04 -6.15
CA LEU A 250 32.77 5.90 -5.08
C LEU A 250 32.34 7.30 -4.65
N THR A 251 31.06 7.61 -4.82
CA THR A 251 30.58 8.93 -4.45
C THR A 251 29.46 8.79 -3.44
N PRO A 252 29.19 9.86 -2.66
CA PRO A 252 28.08 9.79 -1.69
C PRO A 252 26.71 9.60 -2.31
N THR A 253 26.48 10.11 -3.50
CA THR A 253 25.11 10.12 -3.99
C THR A 253 25.04 9.99 -5.52
N PHE A 254 23.82 9.92 -6.03
CA PHE A 254 23.59 9.65 -7.43
C PHE A 254 24.03 10.81 -8.31
N ALA A 255 23.70 12.02 -7.89
CA ALA A 255 23.93 13.22 -8.67
C ALA A 255 25.41 13.48 -8.88
N ASP A 256 26.24 12.86 -8.05
CA ASP A 256 27.71 12.97 -8.17
C ASP A 256 28.23 12.35 -9.46
N ALA A 257 27.39 11.57 -10.12
CA ALA A 257 27.72 10.96 -11.39
C ALA A 257 27.73 11.99 -12.50
N GLY A 258 27.16 13.16 -12.24
CA GLY A 258 27.13 14.21 -13.25
C GLY A 258 25.84 14.12 -14.04
N GLU A 259 25.96 13.91 -15.35
N GLU A 259 25.95 13.97 -15.35
CA GLU A 259 24.82 13.86 -16.26
CA GLU A 259 24.76 14.01 -16.21
C GLU A 259 23.81 12.80 -15.83
C GLU A 259 23.83 12.84 -15.90
N ILE A 260 22.54 13.08 -16.07
CA ILE A 260 21.51 12.06 -15.86
C ILE A 260 21.86 10.83 -16.68
N GLY A 261 21.72 9.66 -16.04
CA GLY A 261 22.02 8.40 -16.71
C GLY A 261 23.42 7.88 -16.44
N ASN A 262 24.30 8.73 -15.93
CA ASN A 262 25.66 8.32 -15.67
C ASN A 262 25.71 7.39 -14.47
N ILE A 263 26.70 6.51 -14.50
CA ILE A 263 26.87 5.54 -13.46
C ILE A 263 27.35 6.18 -12.18
N ALA A 264 26.61 5.90 -11.12
CA ALA A 264 27.02 6.29 -9.76
C ALA A 264 27.30 5.01 -9.00
N ILE A 265 28.46 4.96 -8.36
CA ILE A 265 28.77 3.91 -7.42
C ILE A 265 28.83 4.62 -6.09
N TYR A 266 28.10 4.08 -5.11
CA TYR A 266 27.80 4.83 -3.90
C TYR A 266 27.54 3.85 -2.77
N LEU A 267 27.44 4.39 -1.57
CA LEU A 267 26.98 3.62 -0.42
C LEU A 267 25.52 3.97 -0.19
N ASN A 268 24.66 2.95 -0.20
CA ASN A 268 23.24 3.19 -0.04
C ASN A 268 22.94 3.55 1.42
N SER A 269 21.67 3.82 1.71
CA SER A 269 21.21 4.31 3.00
C SER A 269 21.28 3.23 4.05
N ARG A 270 21.57 2.01 3.63
CA ARG A 270 21.73 0.88 4.55
C ARG A 270 23.20 0.63 4.79
N GLY A 271 24.06 1.42 4.16
CA GLY A 271 25.53 1.30 4.34
C GLY A 271 26.28 0.42 3.33
N TYR A 272 25.62 0.01 2.25
CA TYR A 272 26.21 -0.98 1.35
C TYR A 272 26.63 -0.41 0.01
N LEU A 273 27.72 -0.93 -0.53
CA LEU A 273 28.15 -0.59 -1.88
C LEU A 273 27.03 -0.87 -2.88
N SER A 274 26.73 0.14 -3.66
CA SER A 274 25.60 0.11 -4.54
C SER A 274 25.98 0.75 -5.84
N ILE A 275 25.20 0.49 -6.87
CA ILE A 275 25.48 1.10 -8.15
C ILE A 275 24.16 1.44 -8.80
N ALA A 276 24.13 2.60 -9.41
CA ALA A 276 22.92 3.11 -10.01
C ALA A 276 23.30 3.95 -11.20
N ARG A 277 22.29 4.39 -11.94
CA ARG A 277 22.51 5.52 -12.82
C ARG A 277 21.89 6.74 -12.14
N ASN A 278 22.44 7.91 -12.45
CA ASN A 278 21.92 9.12 -11.91
C ASN A 278 20.55 9.43 -12.51
N ALA A 279 19.52 9.34 -11.67
CA ALA A 279 18.13 9.60 -12.07
C ALA A 279 17.73 8.81 -13.32
N ALA A 280 18.21 7.57 -13.39
CA ALA A 280 17.80 6.65 -14.43
C ALA A 280 17.92 5.31 -13.76
N SER A 281 17.15 4.35 -14.26
CA SER A 281 17.21 3.00 -13.74
C SER A 281 18.39 2.24 -14.33
N LEU A 282 19.19 1.62 -13.46
CA LEU A 282 20.30 0.83 -13.94
C LEU A 282 19.84 -0.60 -14.19
N ALA A 283 19.12 -1.13 -13.21
CA ALA A 283 18.79 -2.55 -13.15
C ALA A 283 17.82 -2.92 -14.24
N TYR A 284 16.81 -2.08 -14.45
CA TYR A 284 15.67 -2.46 -15.28
C TYR A 284 16.01 -2.63 -16.76
N PRO A 285 16.67 -1.63 -17.38
CA PRO A 285 16.98 -1.79 -18.81
C PRO A 285 17.82 -3.04 -19.06
N TYR A 286 18.72 -3.37 -18.13
CA TYR A 286 19.64 -4.49 -18.34
C TYR A 286 19.19 -5.72 -17.62
N HIS A 287 18.01 -5.65 -17.02
CA HIS A 287 17.44 -6.81 -16.33
C HIS A 287 18.46 -7.40 -15.36
N LEU A 288 19.11 -6.52 -14.62
CA LEU A 288 20.00 -6.95 -13.54
C LEU A 288 19.13 -7.40 -12.39
N LYS A 289 19.63 -8.33 -11.60
CA LYS A 289 18.80 -9.05 -10.64
C LYS A 289 19.58 -9.33 -9.37
N GLU A 290 18.83 -9.46 -8.29
CA GLU A 290 19.33 -9.95 -7.02
C GLU A 290 19.99 -11.32 -7.23
N GLY A 291 21.14 -11.52 -6.58
CA GLY A 291 21.86 -12.79 -6.68
C GLY A 291 22.95 -12.83 -7.72
N MET A 292 22.97 -11.86 -8.63
CA MET A 292 24.06 -11.77 -9.60
C MET A 292 25.33 -11.46 -8.82
N SER A 293 26.48 -11.96 -9.28
CA SER A 293 27.75 -11.67 -8.63
C SER A 293 28.03 -10.18 -8.66
N ALA A 294 28.76 -9.73 -7.65
CA ALA A 294 29.16 -8.34 -7.60
C ALA A 294 30.61 -8.32 -7.13
N ARG A 295 31.50 -7.87 -7.99
CA ARG A 295 32.92 -7.77 -7.65
C ARG A 295 33.31 -6.32 -7.66
N VAL A 296 34.13 -5.91 -6.69
CA VAL A 296 34.64 -4.54 -6.68
C VAL A 296 36.12 -4.46 -6.36
N GLU A 297 36.82 -3.59 -7.07
CA GLU A 297 38.24 -3.36 -6.84
C GLU A 297 38.60 -1.90 -7.07
N ALA A 298 39.50 -1.40 -6.25
CA ALA A 298 40.01 -0.04 -6.38
C ALA A 298 41.06 0.03 -7.48
N ARG B 8 -12.98 5.02 19.70
CA ARG B 8 -11.84 4.84 18.73
C ARG B 8 -12.32 4.22 17.39
N PRO B 9 -13.09 5.00 16.60
CA PRO B 9 -13.78 4.39 15.47
C PRO B 9 -12.85 3.97 14.34
N ILE B 10 -13.22 2.91 13.66
CA ILE B 10 -12.42 2.38 12.57
C ILE B 10 -13.27 2.33 11.32
N ILE B 11 -12.69 2.79 10.22
CA ILE B 11 -13.25 2.53 8.91
C ILE B 11 -12.24 1.63 8.24
N ALA B 12 -12.71 0.48 7.80
CA ALA B 12 -11.91 -0.41 7.03
C ALA B 12 -12.39 -0.24 5.60
N PHE B 13 -11.44 0.17 4.75
CA PHE B 13 -11.73 0.70 3.46
C PHE B 13 -11.21 -0.24 2.36
N MET B 14 -12.12 -0.71 1.50
CA MET B 14 -11.76 -1.61 0.43
C MET B 14 -12.32 -0.96 -0.80
N SER B 15 -11.48 -0.71 -1.78
CA SER B 15 -11.94 -0.12 -3.01
C SER B 15 -11.22 -0.73 -4.20
N ASP B 16 -11.62 -0.31 -5.39
CA ASP B 16 -10.92 -0.62 -6.62
C ASP B 16 -10.06 0.57 -7.06
N LEU B 17 -9.76 1.49 -6.14
CA LEU B 17 -9.11 2.73 -6.52
C LEU B 17 -7.63 2.64 -6.80
N GLY B 18 -7.02 1.52 -6.39
CA GLY B 18 -5.60 1.35 -6.58
C GLY B 18 -4.83 2.21 -5.59
N THR B 19 -3.51 2.10 -5.64
CA THR B 19 -2.65 2.83 -4.72
C THR B 19 -1.61 3.57 -5.53
N THR B 20 -1.92 3.92 -6.76
CA THR B 20 -0.94 4.56 -7.63
C THR B 20 -1.18 6.04 -7.80
N ASP B 21 -2.29 6.52 -7.24
CA ASP B 21 -2.52 7.93 -7.23
C ASP B 21 -3.13 8.35 -5.90
N ASP B 22 -3.60 9.58 -5.83
CA ASP B 22 -4.07 10.12 -4.56
C ASP B 22 -5.56 9.86 -4.28
N SER B 23 -6.20 9.00 -5.08
CA SER B 23 -7.65 8.78 -4.94
C SER B 23 -8.04 8.26 -3.57
N VAL B 24 -7.37 7.21 -3.11
CA VAL B 24 -7.63 6.69 -1.76
C VAL B 24 -7.34 7.78 -0.70
N ALA B 25 -6.28 8.55 -0.90
CA ALA B 25 -5.90 9.60 0.05
C ALA B 25 -6.96 10.67 0.13
N GLN B 26 -7.58 10.97 -1.00
CA GLN B 26 -8.67 11.95 -0.97
C GLN B 26 -9.79 11.47 -0.08
N CYS B 27 -10.15 10.21 -0.23
CA CYS B 27 -11.20 9.61 0.61
C CYS B 27 -10.77 9.64 2.06
N LYS B 28 -9.54 9.21 2.33
CA LYS B 28 -9.03 9.23 3.71
C LYS B 28 -9.01 10.64 4.30
N GLY B 29 -8.55 11.60 3.52
CA GLY B 29 -8.54 12.99 4.01
C GLY B 29 -9.94 13.35 4.48
N LEU B 30 -10.93 12.96 3.70
CA LEU B 30 -12.32 13.29 4.04
C LEU B 30 -12.81 12.50 5.25
N MET B 31 -12.33 11.27 5.40
CA MET B 31 -12.68 10.46 6.55
C MET B 31 -12.13 11.13 7.81
N TYR B 32 -10.88 11.58 7.81
CA TYR B 32 -10.33 12.30 8.97
C TYR B 32 -10.96 13.64 9.19
N SER B 33 -11.41 14.26 8.11
CA SER B 33 -12.12 15.54 8.22
C SER B 33 -13.42 15.37 8.96
N ILE B 34 -14.13 14.30 8.64
CA ILE B 34 -15.45 14.07 9.13
C ILE B 34 -15.41 13.43 10.52
N CYS B 35 -14.45 12.53 10.72
CA CYS B 35 -14.36 11.76 11.94
C CYS B 35 -12.91 11.87 12.40
N PRO B 36 -12.56 12.99 13.06
CA PRO B 36 -11.17 13.28 13.35
C PRO B 36 -10.43 12.13 14.05
N ASP B 37 -11.13 11.38 14.91
CA ASP B 37 -10.53 10.31 15.72
C ASP B 37 -10.54 8.94 15.05
N VAL B 38 -10.95 8.89 13.78
CA VAL B 38 -11.04 7.63 13.06
C VAL B 38 -9.65 7.04 12.81
N THR B 39 -9.60 5.70 12.81
CA THR B 39 -8.48 4.99 12.26
C THR B 39 -8.97 4.39 10.96
N VAL B 40 -8.31 4.74 9.86
CA VAL B 40 -8.67 4.14 8.61
C VAL B 40 -7.73 2.98 8.38
N VAL B 41 -8.33 1.81 8.21
CA VAL B 41 -7.60 0.62 7.90
C VAL B 41 -7.87 0.29 6.43
N ASP B 42 -6.79 0.22 5.65
CA ASP B 42 -6.91 -0.27 4.30
C ASP B 42 -7.17 -1.75 4.32
N VAL B 43 -8.21 -2.15 3.62
CA VAL B 43 -8.44 -3.56 3.41
C VAL B 43 -7.54 -3.88 2.21
N CYS B 44 -7.87 -3.30 1.07
CA CYS B 44 -7.06 -3.40 -0.14
C CYS B 44 -7.74 -2.55 -1.18
N HIS B 45 -6.98 -2.16 -2.19
CA HIS B 45 -7.50 -1.24 -3.16
C HIS B 45 -7.17 -1.72 -4.56
N SER B 46 -6.81 -2.99 -4.63
CA SER B 46 -6.27 -3.56 -5.84
C SER B 46 -7.25 -4.50 -6.52
N MET B 47 -8.48 -4.57 -6.03
CA MET B 47 -9.47 -5.49 -6.60
C MET B 47 -9.63 -5.20 -8.10
N THR B 48 -9.96 -6.21 -8.90
CA THR B 48 -10.28 -5.96 -10.30
C THR B 48 -11.39 -4.93 -10.36
N PRO B 49 -11.13 -3.80 -11.04
CA PRO B 49 -12.18 -2.80 -11.11
C PRO B 49 -13.50 -3.38 -11.65
N TRP B 50 -14.59 -3.01 -10.98
CA TRP B 50 -15.95 -3.31 -11.43
C TRP B 50 -16.38 -4.76 -11.25
N ASP B 51 -15.47 -5.56 -10.71
CA ASP B 51 -15.74 -6.98 -10.54
C ASP B 51 -16.33 -7.11 -9.14
N VAL B 52 -17.65 -7.04 -9.05
CA VAL B 52 -18.29 -7.00 -7.72
C VAL B 52 -18.14 -8.33 -6.96
N GLU B 53 -18.06 -9.45 -7.69
CA GLU B 53 -17.92 -10.75 -7.06
C GLU B 53 -16.54 -10.89 -6.43
N GLU B 54 -15.53 -10.33 -7.10
CA GLU B 54 -14.18 -10.35 -6.56
C GLU B 54 -14.07 -9.45 -5.34
N GLY B 55 -14.64 -8.24 -5.47
CA GLY B 55 -14.65 -7.30 -4.38
C GLY B 55 -15.28 -7.90 -3.15
N ALA B 56 -16.38 -8.64 -3.38
CA ALA B 56 -17.09 -9.33 -2.31
C ALA B 56 -16.17 -10.18 -1.47
N ARG B 57 -15.25 -10.88 -2.14
CA ARG B 57 -14.34 -11.82 -1.46
C ARG B 57 -13.43 -11.12 -0.47
N TYR B 58 -13.12 -9.84 -0.71
CA TYR B 58 -12.21 -9.12 0.18
C TYR B 58 -12.87 -8.54 1.39
N ILE B 59 -14.19 -8.64 1.46
CA ILE B 59 -14.91 -7.92 2.53
C ILE B 59 -15.77 -8.84 3.36
N VAL B 60 -16.09 -10.00 2.82
CA VAL B 60 -17.06 -10.88 3.44
C VAL B 60 -16.55 -11.43 4.75
N ASP B 61 -15.23 -11.61 4.85
CA ASP B 61 -14.63 -12.30 5.99
C ASP B 61 -14.16 -11.32 7.08
N LEU B 62 -14.35 -10.03 6.84
CA LEU B 62 -13.73 -9.01 7.68
C LEU B 62 -14.28 -8.83 9.10
N PRO B 63 -15.61 -8.91 9.28
CA PRO B 63 -16.16 -8.46 10.57
C PRO B 63 -15.52 -9.06 11.82
N ARG B 64 -15.32 -10.38 11.85
CA ARG B 64 -14.84 -11.01 13.09
C ARG B 64 -13.46 -10.49 13.49
N PHE B 65 -12.72 -9.96 12.51
CA PHE B 65 -11.37 -9.47 12.78
C PHE B 65 -11.33 -8.12 13.43
N PHE B 66 -12.44 -7.37 13.31
CA PHE B 66 -12.45 -5.99 13.68
C PHE B 66 -13.23 -5.73 14.97
N PRO B 67 -12.84 -4.67 15.69
CA PRO B 67 -13.61 -4.28 16.85
C PRO B 67 -15.01 -3.92 16.43
N GLU B 68 -15.98 -4.29 17.28
CA GLU B 68 -17.37 -3.95 17.07
C GLU B 68 -17.52 -2.45 16.91
N GLY B 69 -18.37 -2.05 15.97
CA GLY B 69 -18.56 -0.63 15.65
C GLY B 69 -17.74 -0.23 14.44
N THR B 70 -16.93 -1.15 13.93
CA THR B 70 -16.18 -0.88 12.71
C THR B 70 -17.14 -0.68 11.56
N VAL B 71 -16.81 0.29 10.72
CA VAL B 71 -17.55 0.57 9.50
C VAL B 71 -16.69 0.08 8.36
N PHE B 72 -17.30 -0.71 7.48
CA PHE B 72 -16.62 -1.19 6.31
C PHE B 72 -17.08 -0.37 5.14
N ALA B 73 -16.20 0.47 4.63
CA ALA B 73 -16.47 1.26 3.44
C ALA B 73 -15.92 0.46 2.26
N THR B 74 -16.82 -0.15 1.49
CA THR B 74 -16.41 -1.11 0.49
C THR B 74 -16.98 -0.74 -0.83
N THR B 75 -16.11 -0.59 -1.84
CA THR B 75 -16.56 0.04 -3.06
C THR B 75 -15.81 -0.30 -4.33
N THR B 76 -16.57 -0.81 -5.30
CA THR B 76 -16.23 -0.63 -6.70
C THR B 76 -17.50 -0.03 -7.27
N TYR B 77 -17.37 1.05 -7.99
CA TYR B 77 -18.55 1.85 -8.28
C TYR B 77 -18.61 2.20 -9.75
N PRO B 78 -18.80 1.18 -10.65
CA PRO B 78 -18.97 1.49 -12.07
C PRO B 78 -20.15 2.39 -12.38
N ALA B 79 -21.18 2.38 -11.54
CA ALA B 79 -22.37 3.22 -11.76
C ALA B 79 -22.18 4.61 -11.16
N THR B 80 -20.92 4.96 -10.87
CA THR B 80 -20.64 6.29 -10.36
C THR B 80 -21.26 7.36 -11.24
N GLY B 81 -21.77 8.40 -10.61
CA GLY B 81 -22.37 9.53 -11.34
C GLY B 81 -23.78 9.30 -11.84
N THR B 82 -24.34 8.14 -11.54
CA THR B 82 -25.71 7.86 -11.91
C THR B 82 -26.65 8.15 -10.74
N THR B 83 -27.94 7.90 -10.96
CA THR B 83 -28.93 8.11 -9.93
C THR B 83 -28.84 7.06 -8.83
N THR B 84 -28.04 6.02 -9.03
CA THR B 84 -27.79 5.04 -7.96
C THR B 84 -27.27 5.66 -6.65
N ARG B 85 -27.66 5.03 -5.56
CA ARG B 85 -27.22 5.47 -4.26
C ARG B 85 -26.72 4.26 -3.51
N SER B 86 -25.73 4.50 -2.67
CA SER B 86 -25.15 3.46 -1.86
C SER B 86 -26.15 2.90 -0.89
N VAL B 87 -25.83 1.73 -0.39
CA VAL B 87 -26.59 1.11 0.66
C VAL B 87 -25.70 1.02 1.90
N ALA B 88 -26.29 1.32 3.06
CA ALA B 88 -25.58 1.16 4.32
C ALA B 88 -26.35 0.13 5.10
N VAL B 89 -25.66 -0.93 5.51
CA VAL B 89 -26.30 -2.04 6.18
C VAL B 89 -25.60 -2.32 7.49
N ARG B 90 -26.38 -2.60 8.53
CA ARG B 90 -25.83 -3.11 9.75
C ARG B 90 -26.00 -4.61 9.64
N ILE B 91 -24.90 -5.32 9.67
CA ILE B 91 -24.98 -6.76 9.54
C ILE B 91 -25.44 -7.37 10.84
N LYS B 92 -25.87 -8.62 10.77
CA LYS B 92 -26.37 -9.29 11.96
C LYS B 92 -25.25 -10.06 12.65
N GLN B 93 -24.89 -11.21 12.11
CA GLN B 93 -23.88 -12.06 12.72
C GLN B 93 -22.50 -11.64 12.23
N ALA B 94 -21.58 -11.42 13.14
CA ALA B 94 -20.19 -11.15 12.74
C ALA B 94 -19.61 -12.38 12.08
N ALA B 95 -20.10 -13.54 12.50
CA ALA B 95 -19.86 -14.81 11.85
C ALA B 95 -18.45 -15.31 12.04
N LYS B 96 -18.36 -16.55 12.51
CA LYS B 96 -17.12 -17.27 12.56
C LYS B 96 -16.60 -17.51 11.14
N GLY B 97 -15.34 -17.88 11.03
CA GLY B 97 -14.78 -18.17 9.72
C GLY B 97 -13.58 -19.10 9.81
N GLY B 98 -12.84 -19.17 8.70
CA GLY B 98 -11.64 -20.00 8.66
C GLY B 98 -11.93 -21.42 8.22
N ALA B 99 -10.87 -22.21 8.09
CA ALA B 99 -10.97 -23.62 7.72
C ALA B 99 -11.93 -24.37 8.67
N ARG B 100 -11.96 -23.94 9.93
CA ARG B 100 -12.69 -24.60 11.02
C ARG B 100 -14.05 -23.97 11.29
N GLY B 101 -14.10 -22.64 11.20
CA GLY B 101 -15.29 -21.90 11.58
C GLY B 101 -15.20 -21.52 13.04
N GLN B 102 -14.50 -20.42 13.30
CA GLN B 102 -14.19 -20.00 14.66
C GLN B 102 -14.10 -18.48 14.78
N TRP B 103 -14.21 -17.97 16.00
CA TRP B 103 -13.86 -16.58 16.27
C TRP B 103 -12.37 -16.37 16.08
N ALA B 104 -12.02 -15.17 15.66
CA ALA B 104 -10.64 -14.83 15.43
C ALA B 104 -10.02 -14.26 16.69
N GLY B 105 -8.71 -14.41 16.84
CA GLY B 105 -8.01 -13.80 17.96
C GLY B 105 -7.28 -14.85 18.75
N SER B 106 -6.56 -14.42 19.77
CA SER B 106 -5.90 -15.34 20.69
C SER B 106 -6.93 -16.04 21.59
N GLY B 107 -6.46 -17.05 22.31
CA GLY B 107 -7.34 -17.87 23.15
C GLY B 107 -8.42 -18.48 22.29
N ALA B 108 -9.67 -18.37 22.74
CA ALA B 108 -10.81 -18.95 22.04
C ALA B 108 -11.36 -17.98 20.98
N GLY B 109 -10.69 -16.84 20.84
CA GLY B 109 -11.07 -15.84 19.88
C GLY B 109 -11.92 -14.78 20.49
N PHE B 110 -12.16 -13.73 19.71
CA PHE B 110 -12.95 -12.62 20.19
C PHE B 110 -14.32 -12.81 19.63
N GLU B 111 -15.24 -13.15 20.50
CA GLU B 111 -16.62 -13.22 20.12
C GLU B 111 -17.09 -11.81 19.84
N ARG B 112 -17.79 -11.63 18.72
CA ARG B 112 -18.31 -10.32 18.34
C ARG B 112 -19.82 -10.29 18.49
N ALA B 113 -20.34 -9.23 19.10
CA ALA B 113 -21.79 -9.08 19.29
C ALA B 113 -22.44 -9.04 17.93
N GLU B 114 -23.72 -9.38 17.89
CA GLU B 114 -24.48 -9.18 16.68
C GLU B 114 -24.78 -7.69 16.45
N GLY B 115 -25.00 -7.33 15.19
CA GLY B 115 -25.37 -5.96 14.82
C GLY B 115 -24.26 -4.98 15.06
N SER B 116 -23.02 -5.44 14.99
CA SER B 116 -21.92 -4.65 15.47
C SER B 116 -21.05 -4.08 14.37
N TYR B 117 -21.47 -4.23 13.11
CA TYR B 117 -20.74 -3.71 11.97
C TYR B 117 -21.64 -3.16 10.94
N ILE B 118 -21.18 -2.09 10.31
CA ILE B 118 -21.89 -1.46 9.23
C ILE B 118 -21.06 -1.59 7.97
N TYR B 119 -21.70 -1.95 6.89
CA TYR B 119 -21.07 -1.87 5.58
C TYR B 119 -21.77 -0.77 4.84
N ILE B 120 -20.99 0.05 4.17
CA ILE B 120 -21.56 0.99 3.23
C ILE B 120 -20.88 0.73 1.88
N ALA B 121 -21.70 0.60 0.85
CA ALA B 121 -21.21 0.15 -0.42
C ALA B 121 -22.14 0.65 -1.49
N PRO B 122 -21.67 0.68 -2.75
CA PRO B 122 -22.65 0.85 -3.80
C PRO B 122 -23.68 -0.24 -3.69
N ASN B 123 -24.91 0.10 -4.06
CA ASN B 123 -25.95 -0.90 -4.12
C ASN B 123 -25.82 -1.57 -5.47
N ASN B 124 -24.74 -2.33 -5.64
CA ASN B 124 -24.45 -2.97 -6.90
C ASN B 124 -24.17 -4.46 -6.77
N GLY B 125 -24.49 -5.01 -5.60
CA GLY B 125 -24.25 -6.42 -5.37
C GLY B 125 -22.95 -6.70 -4.65
N LEU B 126 -22.13 -5.69 -4.45
CA LEU B 126 -20.85 -5.89 -3.76
C LEU B 126 -21.04 -6.59 -2.42
N LEU B 127 -22.16 -6.33 -1.75
CA LEU B 127 -22.41 -6.87 -0.42
C LEU B 127 -23.15 -8.19 -0.42
N THR B 128 -23.36 -8.75 -1.60
CA THR B 128 -24.11 -10.02 -1.73
C THR B 128 -23.70 -11.07 -0.68
N THR B 129 -22.42 -11.40 -0.66
CA THR B 129 -21.94 -12.47 0.22
C THR B 129 -21.85 -12.01 1.67
N VAL B 130 -21.59 -10.73 1.88
CA VAL B 130 -21.66 -10.15 3.23
C VAL B 130 -23.05 -10.42 3.80
N LEU B 131 -24.09 -10.10 3.02
CA LEU B 131 -25.46 -10.28 3.51
C LEU B 131 -25.80 -11.75 3.67
N GLU B 132 -25.33 -12.56 2.72
CA GLU B 132 -25.48 -14.00 2.77
C GLU B 132 -24.91 -14.60 4.03
N GLU B 133 -23.66 -14.26 4.32
CA GLU B 133 -22.92 -14.90 5.41
C GLU B 133 -23.15 -14.25 6.77
N HIS B 134 -23.57 -12.99 6.79
CA HIS B 134 -23.74 -12.30 8.05
C HIS B 134 -25.19 -11.96 8.36
N GLY B 135 -26.03 -11.93 7.34
CA GLY B 135 -27.38 -11.41 7.50
C GLY B 135 -27.29 -9.92 7.74
N TYR B 136 -28.43 -9.27 7.86
CA TYR B 136 -28.43 -7.87 8.21
C TYR B 136 -29.66 -7.54 9.04
N LEU B 137 -29.55 -6.46 9.81
CA LEU B 137 -30.61 -6.05 10.69
C LEU B 137 -31.35 -4.88 10.11
N GLU B 138 -30.64 -4.05 9.38
CA GLU B 138 -31.27 -2.90 8.74
C GLU B 138 -30.40 -2.48 7.59
N ALA B 139 -31.04 -1.91 6.58
CA ALA B 139 -30.35 -1.44 5.40
C ALA B 139 -31.03 -0.16 4.98
N TYR B 140 -30.22 0.82 4.59
CA TYR B 140 -30.70 2.12 4.19
C TYR B 140 -30.02 2.59 2.93
N GLU B 141 -30.77 3.31 2.13
CA GLU B 141 -30.24 3.99 0.99
C GLU B 141 -29.50 5.21 1.49
N VAL B 142 -28.35 5.49 0.90
CA VAL B 142 -27.51 6.58 1.40
C VAL B 142 -27.81 7.80 0.53
N THR B 143 -28.66 8.68 1.03
CA THR B 143 -29.17 9.80 0.23
C THR B 143 -29.06 11.11 0.96
N SER B 144 -28.89 11.09 2.28
CA SER B 144 -28.92 12.35 3.03
C SER B 144 -27.72 13.27 2.73
N PRO B 145 -27.99 14.55 2.42
CA PRO B 145 -26.91 15.51 2.20
C PRO B 145 -26.12 15.77 3.48
N LYS B 146 -26.59 15.24 4.61
CA LYS B 146 -25.80 15.26 5.82
C LYS B 146 -24.61 14.32 5.73
N VAL B 147 -24.69 13.33 4.86
CA VAL B 147 -23.63 12.31 4.81
C VAL B 147 -23.00 12.12 3.44
N ILE B 148 -23.62 12.66 2.40
CA ILE B 148 -23.06 12.69 1.05
C ILE B 148 -23.06 14.11 0.52
N PRO B 149 -22.22 14.41 -0.51
CA PRO B 149 -22.21 15.74 -1.09
C PRO B 149 -23.56 16.03 -1.71
N GLU B 150 -23.98 17.28 -1.63
CA GLU B 150 -25.16 17.72 -2.40
C GLU B 150 -24.86 17.68 -3.90
N GLN B 151 -23.60 17.96 -4.23
CA GLN B 151 -23.12 17.91 -5.61
C GLN B 151 -21.99 16.89 -5.72
N PRO B 152 -22.32 15.60 -5.75
CA PRO B 152 -21.31 14.54 -5.81
C PRO B 152 -20.52 14.61 -7.11
N GLU B 153 -19.21 14.45 -7.01
CA GLU B 153 -18.36 14.33 -8.17
C GLU B 153 -18.84 13.13 -8.98
N PRO B 154 -19.31 13.35 -10.23
CA PRO B 154 -19.89 12.28 -11.03
C PRO B 154 -19.04 11.02 -11.11
N THR B 155 -17.74 11.19 -11.32
CA THR B 155 -16.88 10.03 -11.55
C THR B 155 -16.25 9.50 -10.26
N PHE B 156 -16.65 10.05 -9.11
CA PHE B 156 -16.02 9.63 -7.88
C PHE B 156 -16.98 9.25 -6.76
N TYR B 157 -17.96 8.43 -7.10
CA TYR B 157 -18.89 7.99 -6.07
C TYR B 157 -18.24 7.16 -4.96
N ALA B 158 -17.08 6.54 -5.22
CA ALA B 158 -16.37 5.83 -4.15
C ALA B 158 -16.13 6.79 -3.00
N ARG B 159 -15.77 8.02 -3.33
CA ARG B 159 -15.49 9.03 -2.34
C ARG B 159 -16.79 9.62 -1.83
N GLU B 160 -17.67 10.00 -2.77
CA GLU B 160 -18.84 10.78 -2.43
C GLU B 160 -19.87 9.96 -1.70
N MET B 161 -20.04 8.72 -2.14
CA MET B 161 -21.20 7.92 -1.71
C MET B 161 -20.75 6.77 -0.85
N VAL B 162 -19.47 6.70 -0.55
CA VAL B 162 -19.00 5.61 0.30
C VAL B 162 -18.02 6.18 1.33
N ALA B 163 -16.90 6.75 0.89
CA ALA B 163 -15.92 7.23 1.87
C ALA B 163 -16.54 8.27 2.77
N ILE B 164 -17.14 9.30 2.18
CA ILE B 164 -17.73 10.38 2.98
C ILE B 164 -18.77 9.87 4.01
N PRO B 165 -19.87 9.24 3.52
CA PRO B 165 -20.86 8.71 4.47
C PRO B 165 -20.32 7.69 5.44
N SER B 166 -19.32 6.89 5.04
CA SER B 166 -18.74 5.95 6.01
C SER B 166 -18.13 6.68 7.20
N ALA B 167 -17.51 7.82 6.94
CA ALA B 167 -16.88 8.58 8.01
C ALA B 167 -17.95 9.21 8.91
N HIS B 168 -19.08 9.63 8.34
CA HIS B 168 -20.18 10.09 9.16
C HIS B 168 -20.69 8.96 10.03
N LEU B 169 -20.85 7.78 9.44
CA LEU B 169 -21.26 6.62 10.22
C LEU B 169 -20.23 6.32 11.30
N ALA B 170 -18.93 6.37 10.96
CA ALA B 170 -17.90 6.16 11.96
C ALA B 170 -17.97 7.21 13.07
N ALA B 171 -18.36 8.44 12.71
CA ALA B 171 -18.47 9.53 13.68
C ALA B 171 -19.71 9.43 14.54
N GLY B 172 -20.54 8.41 14.28
CA GLY B 172 -21.76 8.21 15.05
C GLY B 172 -23.02 8.78 14.43
N PHE B 173 -22.94 9.21 13.18
CA PHE B 173 -24.17 9.61 12.49
C PHE B 173 -25.11 8.41 12.52
N PRO B 174 -26.38 8.60 12.95
CA PRO B 174 -27.31 7.47 13.03
C PRO B 174 -27.51 6.82 11.69
N LEU B 175 -27.32 5.51 11.64
CA LEU B 175 -27.41 4.77 10.39
C LEU B 175 -28.74 4.99 9.71
N SER B 176 -29.82 4.95 10.48
CA SER B 176 -31.17 5.05 9.92
C SER B 176 -31.47 6.44 9.36
N GLU B 177 -30.56 7.37 9.60
CA GLU B 177 -30.74 8.73 9.11
C GLU B 177 -30.01 9.02 7.81
N VAL B 178 -29.34 8.00 7.27
CA VAL B 178 -28.62 8.20 5.99
C VAL B 178 -29.59 8.27 4.82
N GLY B 179 -30.76 7.68 5.02
CA GLY B 179 -31.78 7.70 4.02
C GLY B 179 -32.82 6.66 4.34
N ARG B 180 -33.67 6.46 3.35
CA ARG B 180 -34.81 5.57 3.38
C ARG B 180 -34.38 4.15 3.70
N PRO B 181 -35.18 3.40 4.51
CA PRO B 181 -34.94 1.96 4.65
C PRO B 181 -35.09 1.29 3.33
N LEU B 182 -34.19 0.38 3.00
CA LEU B 182 -34.33 -0.42 1.81
C LEU B 182 -34.96 -1.76 2.12
N GLU B 183 -35.96 -2.12 1.32
CA GLU B 183 -36.54 -3.45 1.36
C GLU B 183 -35.52 -4.44 0.78
N ASP B 184 -35.62 -5.68 1.20
CA ASP B 184 -34.62 -6.66 0.85
C ASP B 184 -34.40 -6.74 -0.65
N HIS B 185 -35.51 -6.70 -1.39
CA HIS B 185 -35.45 -6.87 -2.84
C HIS B 185 -34.77 -5.69 -3.51
N GLU B 186 -34.62 -4.59 -2.77
CA GLU B 186 -33.99 -3.38 -3.29
C GLU B 186 -32.48 -3.41 -3.12
N ILE B 187 -32.01 -4.42 -2.41
CA ILE B 187 -30.57 -4.60 -2.25
C ILE B 187 -30.12 -5.50 -3.38
N VAL B 188 -29.36 -4.92 -4.30
CA VAL B 188 -28.90 -5.63 -5.48
C VAL B 188 -28.00 -6.78 -5.03
N ARG B 189 -28.21 -7.94 -5.63
CA ARG B 189 -27.40 -9.10 -5.35
C ARG B 189 -26.91 -9.70 -6.64
N PHE B 190 -25.70 -10.25 -6.62
CA PHE B 190 -25.26 -11.04 -7.73
C PHE B 190 -25.56 -12.51 -7.44
N ASN B 191 -25.73 -13.29 -8.50
CA ASN B 191 -25.98 -14.71 -8.36
C ASN B 191 -24.65 -15.36 -8.04
N ARG B 192 -24.60 -16.09 -6.95
CA ARG B 192 -23.39 -16.80 -6.60
C ARG B 192 -23.50 -18.18 -7.23
N PRO B 193 -22.61 -18.47 -8.19
CA PRO B 193 -22.64 -19.75 -8.88
C PRO B 193 -22.52 -20.88 -7.87
N ALA B 194 -23.36 -21.89 -8.02
CA ALA B 194 -23.37 -22.99 -7.08
C ALA B 194 -22.28 -24.01 -7.38
N VAL B 195 -21.81 -24.66 -6.32
CA VAL B 195 -20.95 -25.83 -6.42
C VAL B 195 -21.87 -26.98 -6.77
N GLU B 196 -21.74 -27.51 -7.99
CA GLU B 196 -22.61 -28.59 -8.44
C GLU B 196 -22.03 -29.95 -8.12
N GLN B 197 -22.92 -30.95 -8.04
CA GLN B 197 -22.52 -32.34 -7.87
C GLN B 197 -22.62 -33.03 -9.23
N ASP B 198 -21.48 -33.49 -9.73
CA ASP B 198 -21.44 -34.23 -10.99
C ASP B 198 -20.97 -35.64 -10.67
N GLY B 199 -21.93 -36.49 -10.31
CA GLY B 199 -21.65 -37.80 -9.72
C GLY B 199 -21.30 -37.62 -8.25
N GLU B 200 -20.17 -38.18 -7.82
CA GLU B 200 -19.70 -37.93 -6.45
C GLU B 200 -18.73 -36.73 -6.37
N ALA B 201 -18.26 -36.26 -7.52
CA ALA B 201 -17.38 -35.09 -7.58
C ALA B 201 -18.15 -33.79 -7.36
N LEU B 202 -17.50 -32.86 -6.65
CA LEU B 202 -18.03 -31.51 -6.49
C LEU B 202 -17.34 -30.62 -7.51
N VAL B 203 -18.14 -29.85 -8.22
CA VAL B 203 -17.70 -29.11 -9.39
C VAL B 203 -17.91 -27.64 -9.13
N GLY B 204 -16.81 -26.92 -9.06
CA GLY B 204 -16.84 -25.48 -8.87
C GLY B 204 -15.83 -24.84 -9.78
N VAL B 205 -15.29 -23.73 -9.32
CA VAL B 205 -14.34 -22.95 -10.09
C VAL B 205 -13.20 -22.57 -9.18
N VAL B 206 -12.09 -22.18 -9.79
CA VAL B 206 -11.09 -21.41 -9.10
C VAL B 206 -11.68 -20.04 -8.85
N SER B 207 -11.92 -19.75 -7.58
CA SER B 207 -12.51 -18.49 -7.17
C SER B 207 -11.46 -17.38 -7.20
N ALA B 208 -10.21 -17.72 -6.89
CA ALA B 208 -9.13 -16.74 -6.86
C ALA B 208 -7.77 -17.40 -6.92
N ILE B 209 -6.80 -16.66 -7.43
CA ILE B 209 -5.43 -17.02 -7.21
C ILE B 209 -5.02 -16.23 -5.97
N ASP B 210 -4.53 -16.96 -4.98
CA ASP B 210 -4.16 -16.36 -3.72
C ASP B 210 -2.80 -15.71 -3.88
N HIS B 211 -2.82 -14.44 -4.23
CA HIS B 211 -1.59 -13.68 -4.40
C HIS B 211 -1.05 -13.31 -3.02
N PRO B 212 0.28 -13.21 -2.88
CA PRO B 212 1.29 -13.34 -3.93
C PRO B 212 1.92 -14.72 -3.98
N PHE B 213 1.22 -15.72 -3.44
CA PHE B 213 1.78 -17.06 -3.33
C PHE B 213 1.51 -17.92 -4.54
N GLY B 214 0.46 -17.61 -5.27
CA GLY B 214 0.03 -18.45 -6.36
C GLY B 214 -0.71 -19.67 -5.89
N ASN B 215 -1.31 -19.61 -4.70
CA ASN B 215 -2.14 -20.71 -4.28
C ASN B 215 -3.44 -20.61 -5.05
N VAL B 216 -4.13 -21.73 -5.18
CA VAL B 216 -5.34 -21.79 -5.96
C VAL B 216 -6.50 -21.99 -5.02
N TRP B 217 -7.44 -21.04 -5.03
CA TRP B 217 -8.61 -21.13 -4.19
C TRP B 217 -9.79 -21.52 -5.03
N THR B 218 -10.63 -22.40 -4.50
CA THR B 218 -11.85 -22.77 -5.19
C THR B 218 -13.04 -22.24 -4.43
N ASN B 219 -14.21 -22.27 -5.04
CA ASN B 219 -15.43 -21.88 -4.36
C ASN B 219 -16.08 -23.10 -3.70
N ILE B 220 -15.33 -24.19 -3.59
CA ILE B 220 -15.79 -25.39 -2.90
C ILE B 220 -15.46 -25.19 -1.42
N HIS B 221 -16.48 -24.89 -0.64
CA HIS B 221 -16.33 -24.54 0.76
C HIS B 221 -16.19 -25.80 1.62
N ARG B 222 -15.58 -25.66 2.78
CA ARG B 222 -15.58 -26.73 3.77
C ARG B 222 -16.98 -27.36 3.90
N THR B 223 -18.02 -26.52 4.01
CA THR B 223 -19.37 -27.05 4.14
C THR B 223 -19.78 -27.93 2.97
N ASP B 224 -19.37 -27.57 1.75
CA ASP B 224 -19.59 -28.39 0.56
C ASP B 224 -18.88 -29.74 0.68
N LEU B 225 -17.65 -29.73 1.20
CA LEU B 225 -16.87 -30.96 1.40
C LEU B 225 -17.50 -31.87 2.45
N GLU B 226 -18.09 -31.24 3.47
CA GLU B 226 -18.76 -31.91 4.57
C GLU B 226 -20.03 -32.63 4.08
N LYS B 227 -20.73 -32.01 3.13
CA LYS B 227 -21.86 -32.62 2.40
C LYS B 227 -21.46 -33.92 1.71
N ALA B 228 -20.17 -34.09 1.42
CA ALA B 228 -19.66 -35.30 0.79
C ALA B 228 -18.90 -36.17 1.79
N GLY B 229 -18.76 -35.67 3.01
CA GLY B 229 -18.04 -36.38 4.05
C GLY B 229 -16.55 -36.34 3.82
N ILE B 230 -16.11 -35.31 3.09
CA ILE B 230 -14.70 -35.12 2.82
C ILE B 230 -14.11 -34.33 3.97
N GLY B 231 -13.16 -34.96 4.63
CA GLY B 231 -12.45 -34.31 5.71
C GLY B 231 -10.96 -34.48 5.50
N TYR B 232 -10.18 -33.84 6.38
CA TYR B 232 -8.74 -33.99 6.38
C TYR B 232 -8.34 -35.48 6.33
N GLY B 233 -7.37 -35.80 5.49
CA GLY B 233 -6.90 -37.17 5.34
C GLY B 233 -7.40 -37.85 4.08
N ALA B 234 -8.55 -37.37 3.58
CA ALA B 234 -9.15 -37.93 2.37
C ALA B 234 -8.25 -37.68 1.15
N ARG B 235 -7.93 -38.76 0.45
CA ARG B 235 -7.16 -38.70 -0.78
C ARG B 235 -8.07 -38.12 -1.86
N LEU B 236 -7.71 -36.94 -2.34
CA LEU B 236 -8.54 -36.22 -3.29
C LEU B 236 -7.88 -36.17 -4.65
N ARG B 237 -8.73 -36.12 -5.66
CA ARG B 237 -8.38 -35.79 -7.02
C ARG B 237 -9.00 -34.40 -7.20
N LEU B 238 -8.14 -33.40 -7.36
CA LEU B 238 -8.62 -32.07 -7.67
C LEU B 238 -8.19 -31.72 -9.08
N THR B 239 -9.15 -31.65 -9.98
CA THR B 239 -8.91 -31.41 -11.38
C THR B 239 -9.15 -29.94 -11.67
N LEU B 240 -8.12 -29.20 -12.07
CA LEU B 240 -8.28 -27.80 -12.44
C LEU B 240 -8.34 -27.68 -13.94
N ASP B 241 -9.12 -26.72 -14.46
CA ASP B 241 -9.09 -26.41 -15.86
C ASP B 241 -9.55 -27.59 -16.73
N GLY B 242 -10.01 -28.65 -16.06
CA GLY B 242 -10.57 -29.86 -16.68
C GLY B 242 -9.62 -31.04 -16.91
N VAL B 243 -8.32 -30.80 -16.77
CA VAL B 243 -7.31 -31.72 -17.26
C VAL B 243 -6.19 -31.97 -16.27
N LEU B 244 -6.25 -31.31 -15.11
CA LEU B 244 -5.19 -31.44 -14.13
C LEU B 244 -5.68 -32.22 -12.89
N PRO B 245 -5.73 -33.56 -12.98
CA PRO B 245 -6.21 -34.32 -11.81
C PRO B 245 -5.19 -34.31 -10.69
N PHE B 246 -5.14 -33.21 -9.94
CA PHE B 246 -4.18 -33.13 -8.86
C PHE B 246 -4.53 -34.17 -7.85
N GLU B 247 -3.52 -34.79 -7.27
CA GLU B 247 -3.83 -35.72 -6.24
C GLU B 247 -3.01 -35.53 -5.00
N ALA B 248 -3.74 -35.40 -3.89
CA ALA B 248 -3.14 -35.22 -2.59
C ALA B 248 -4.21 -35.49 -1.55
N PRO B 249 -3.78 -35.86 -0.32
CA PRO B 249 -4.81 -35.87 0.67
C PRO B 249 -5.18 -34.44 1.04
N LEU B 250 -6.38 -34.27 1.55
CA LEU B 250 -6.74 -32.97 2.12
C LEU B 250 -5.99 -32.83 3.44
N THR B 251 -5.14 -31.82 3.53
CA THR B 251 -4.39 -31.61 4.75
C THR B 251 -4.66 -30.21 5.29
N PRO B 252 -4.41 -30.00 6.58
CA PRO B 252 -4.55 -28.66 7.16
C PRO B 252 -3.71 -27.58 6.53
N THR B 253 -2.49 -27.90 6.12
CA THR B 253 -1.58 -26.84 5.73
C THR B 253 -0.66 -27.26 4.59
N PHE B 254 0.15 -26.30 4.12
CA PHE B 254 1.07 -26.52 3.01
C PHE B 254 2.17 -27.52 3.35
N ALA B 255 2.80 -27.35 4.51
CA ALA B 255 3.96 -28.19 4.87
C ALA B 255 3.60 -29.67 4.96
N ASP B 256 2.30 -29.95 5.06
CA ASP B 256 1.84 -31.33 5.13
C ASP B 256 2.12 -32.08 3.84
N ALA B 257 2.37 -31.35 2.76
CA ALA B 257 2.71 -31.96 1.47
C ALA B 257 4.09 -32.61 1.48
N GLY B 258 4.87 -32.29 2.51
CA GLY B 258 6.21 -32.83 2.65
C GLY B 258 7.24 -31.93 2.00
N GLU B 259 7.99 -32.45 1.03
CA GLU B 259 9.02 -31.70 0.33
C GLU B 259 8.46 -30.39 -0.23
N ILE B 260 9.28 -29.34 -0.18
CA ILE B 260 8.99 -28.09 -0.85
C ILE B 260 8.62 -28.37 -2.32
N GLY B 261 7.52 -27.76 -2.77
CA GLY B 261 7.09 -27.87 -4.16
C GLY B 261 6.04 -28.95 -4.36
N ASN B 262 5.88 -29.81 -3.37
CA ASN B 262 4.83 -30.83 -3.38
C ASN B 262 3.44 -30.21 -3.31
N ILE B 263 2.49 -30.89 -3.93
CA ILE B 263 1.10 -30.44 -3.97
C ILE B 263 0.46 -30.58 -2.61
N ALA B 264 -0.08 -29.47 -2.11
CA ALA B 264 -0.94 -29.47 -0.92
C ALA B 264 -2.36 -29.13 -1.34
N ILE B 265 -3.29 -29.99 -0.94
CA ILE B 265 -4.72 -29.68 -1.03
C ILE B 265 -5.19 -29.42 0.38
N TYR B 266 -5.84 -28.29 0.57
CA TYR B 266 -6.11 -27.84 1.92
C TYR B 266 -7.36 -26.96 1.94
N LEU B 267 -7.76 -26.61 3.16
CA LEU B 267 -8.78 -25.59 3.37
C LEU B 267 -8.10 -24.28 3.71
N ASN B 268 -8.36 -23.27 2.90
CA ASN B 268 -7.74 -21.99 3.11
C ASN B 268 -8.33 -21.32 4.35
N SER B 269 -7.80 -20.15 4.69
CA SER B 269 -8.19 -19.41 5.89
C SER B 269 -9.60 -18.85 5.78
N ARG B 270 -10.17 -18.94 4.60
CA ARG B 270 -11.53 -18.48 4.37
C ARG B 270 -12.50 -19.65 4.40
N GLY B 271 -11.96 -20.86 4.60
CA GLY B 271 -12.75 -22.10 4.70
C GLY B 271 -12.99 -22.86 3.41
N TYR B 272 -12.25 -22.53 2.36
CA TYR B 272 -12.50 -23.10 1.04
C TYR B 272 -11.41 -24.07 0.61
N LEU B 273 -11.85 -25.11 -0.09
CA LEU B 273 -10.95 -26.03 -0.70
C LEU B 273 -9.99 -25.27 -1.63
N SER B 274 -8.70 -25.50 -1.40
CA SER B 274 -7.65 -24.80 -2.09
C SER B 274 -6.56 -25.80 -2.42
N ILE B 275 -5.66 -25.38 -3.30
CA ILE B 275 -4.56 -26.24 -3.72
C ILE B 275 -3.37 -25.34 -3.94
N ALA B 276 -2.22 -25.84 -3.55
CA ALA B 276 -1.01 -25.06 -3.57
C ALA B 276 0.11 -26.03 -3.71
N ARG B 277 1.31 -25.50 -3.94
CA ARG B 277 2.51 -26.26 -3.69
C ARG B 277 3.06 -25.82 -2.36
N ASN B 278 3.80 -26.72 -1.70
CA ASN B 278 4.41 -26.37 -0.43
C ASN B 278 5.59 -25.43 -0.63
N ALA B 279 5.41 -24.17 -0.26
CA ALA B 279 6.45 -23.16 -0.33
C ALA B 279 6.97 -23.04 -1.76
N ALA B 280 6.04 -23.14 -2.71
CA ALA B 280 6.31 -22.82 -4.10
C ALA B 280 4.99 -22.35 -4.64
N SER B 281 5.03 -21.63 -5.76
CA SER B 281 3.82 -21.17 -6.40
C SER B 281 3.25 -22.24 -7.28
N LEU B 282 1.98 -22.55 -7.08
CA LEU B 282 1.31 -23.47 -8.00
C LEU B 282 0.77 -22.75 -9.24
N ALA B 283 0.09 -21.63 -9.02
CA ALA B 283 -0.65 -20.97 -10.08
C ALA B 283 0.25 -20.27 -11.09
N TYR B 284 1.33 -19.66 -10.62
CA TYR B 284 2.09 -18.77 -11.50
C TYR B 284 2.84 -19.52 -12.59
N PRO B 285 3.60 -20.57 -12.21
CA PRO B 285 4.34 -21.25 -13.28
C PRO B 285 3.44 -21.78 -14.40
N TYR B 286 2.25 -22.23 -14.05
CA TYR B 286 1.36 -22.85 -15.02
C TYR B 286 0.22 -21.94 -15.44
N HIS B 287 0.31 -20.69 -14.99
CA HIS B 287 -0.61 -19.65 -15.40
C HIS B 287 -2.05 -20.09 -15.13
N LEU B 288 -2.26 -20.67 -13.95
CA LEU B 288 -3.61 -21.02 -13.54
C LEU B 288 -4.29 -19.72 -13.14
N LYS B 289 -5.61 -19.67 -13.32
CA LYS B 289 -6.35 -18.43 -13.25
C LYS B 289 -7.68 -18.63 -12.57
N GLU B 290 -8.16 -17.57 -11.91
CA GLU B 290 -9.54 -17.49 -11.48
C GLU B 290 -10.48 -17.85 -12.62
N GLY B 291 -11.51 -18.62 -12.29
CA GLY B 291 -12.56 -18.90 -13.26
C GLY B 291 -12.38 -20.23 -13.96
N MET B 292 -11.18 -20.81 -13.85
CA MET B 292 -10.94 -22.16 -14.38
C MET B 292 -11.78 -23.10 -13.56
N SER B 293 -12.26 -24.17 -14.17
CA SER B 293 -13.04 -25.17 -13.46
C SER B 293 -12.23 -25.87 -12.38
N ALA B 294 -12.90 -26.24 -11.30
CA ALA B 294 -12.29 -27.03 -10.27
C ALA B 294 -13.24 -28.12 -9.81
N ARG B 295 -12.72 -29.35 -9.71
CA ARG B 295 -13.50 -30.52 -9.35
C ARG B 295 -12.82 -31.32 -8.25
N VAL B 296 -13.58 -31.69 -7.22
CA VAL B 296 -12.99 -32.46 -6.14
C VAL B 296 -13.82 -33.72 -5.89
N GLU B 297 -13.11 -34.78 -5.52
CA GLU B 297 -13.71 -36.05 -5.15
C GLU B 297 -12.66 -36.88 -4.44
N ALA B 298 -13.16 -37.81 -3.62
CA ALA B 298 -12.32 -38.70 -2.86
C ALA B 298 -11.99 -39.94 -3.69
N ARG C 8 -4.83 16.79 16.49
CA ARG C 8 -4.72 15.49 15.73
C ARG C 8 -3.96 15.66 14.41
N PRO C 9 -2.63 15.87 14.47
CA PRO C 9 -1.87 16.27 13.29
C PRO C 9 -1.84 15.20 12.21
N ILE C 10 -1.96 15.62 10.97
CA ILE C 10 -1.82 14.71 9.85
C ILE C 10 -0.62 15.05 8.98
N ILE C 11 0.15 14.02 8.63
CA ILE C 11 1.07 14.13 7.51
C ILE C 11 0.52 13.26 6.40
N ALA C 12 0.30 13.88 5.24
CA ALA C 12 -0.06 13.13 4.06
C ALA C 12 1.20 13.02 3.20
N PHE C 13 1.57 11.80 2.88
CA PHE C 13 2.92 11.47 2.47
C PHE C 13 2.86 10.92 1.08
N MET C 14 3.49 11.63 0.14
CA MET C 14 3.51 11.17 -1.25
C MET C 14 4.97 11.07 -1.62
N SER C 15 5.41 9.92 -2.08
CA SER C 15 6.79 9.78 -2.47
C SER C 15 6.92 8.93 -3.71
N ASP C 16 8.16 8.78 -4.19
CA ASP C 16 8.47 7.81 -5.22
C ASP C 16 9.16 6.57 -4.63
N LEU C 17 8.97 6.32 -3.33
CA LEU C 17 9.80 5.35 -2.64
C LEU C 17 9.31 3.93 -2.86
N GLY C 18 8.11 3.80 -3.36
CA GLY C 18 7.54 2.49 -3.54
C GLY C 18 7.09 1.92 -2.22
N THR C 19 6.47 0.76 -2.31
CA THR C 19 6.03 0.06 -1.11
C THR C 19 6.54 -1.37 -1.12
N THR C 20 7.70 -1.58 -1.70
CA THR C 20 8.31 -2.90 -1.77
C THR C 20 9.44 -3.13 -0.77
N ASP C 21 9.81 -2.06 -0.07
CA ASP C 21 10.78 -2.23 0.97
C ASP C 21 10.38 -1.35 2.13
N ASP C 22 11.26 -1.18 3.08
CA ASP C 22 10.93 -0.49 4.31
C ASP C 22 11.21 1.00 4.25
N SER C 23 11.40 1.55 3.05
CA SER C 23 11.78 2.96 2.92
C SER C 23 10.76 3.91 3.48
N VAL C 24 9.50 3.74 3.07
CA VAL C 24 8.42 4.56 3.57
C VAL C 24 8.26 4.37 5.08
N ALA C 25 8.43 3.13 5.55
CA ALA C 25 8.30 2.81 6.98
C ALA C 25 9.34 3.52 7.81
N GLN C 26 10.57 3.61 7.30
CA GLN C 26 11.62 4.40 7.97
C GLN C 26 11.20 5.84 8.20
N CYS C 27 10.64 6.42 7.15
CA CYS C 27 10.11 7.77 7.21
C CYS C 27 9.02 7.89 8.24
N LYS C 28 8.04 7.01 8.15
CA LYS C 28 6.91 6.94 9.11
C LYS C 28 7.40 6.74 10.53
N GLY C 29 8.35 5.82 10.73
CA GLY C 29 8.90 5.63 12.07
C GLY C 29 9.36 6.96 12.60
N LEU C 30 10.13 7.68 11.81
CA LEU C 30 10.62 8.98 12.24
C LEU C 30 9.51 9.98 12.47
N MET C 31 8.44 9.90 11.68
CA MET C 31 7.32 10.85 11.80
C MET C 31 6.64 10.61 13.14
N TYR C 32 6.39 9.35 13.49
CA TYR C 32 5.84 9.03 14.81
C TYR C 32 6.79 9.32 15.97
N SER C 33 8.09 9.16 15.73
CA SER C 33 9.11 9.54 16.71
C SER C 33 9.01 11.02 17.05
N ILE C 34 8.87 11.83 16.02
CA ILE C 34 8.92 13.29 16.18
C ILE C 34 7.60 13.87 16.59
N CYS C 35 6.53 13.31 16.02
CA CYS C 35 5.20 13.77 16.28
C CYS C 35 4.38 12.57 16.75
N PRO C 36 4.50 12.21 18.04
CA PRO C 36 3.88 10.99 18.53
C PRO C 36 2.38 10.85 18.18
N ASP C 37 1.65 11.97 18.16
CA ASP C 37 0.22 11.93 17.95
C ASP C 37 -0.18 12.01 16.48
N VAL C 38 0.80 11.99 15.58
CA VAL C 38 0.51 12.17 14.15
C VAL C 38 -0.29 11.01 13.56
N THR C 39 -1.08 11.33 12.55
CA THR C 39 -1.61 10.33 11.65
C THR C 39 -0.85 10.49 10.35
N VAL C 40 -0.16 9.44 9.93
CA VAL C 40 0.42 9.48 8.59
C VAL C 40 -0.57 8.88 7.62
N VAL C 41 -0.94 9.68 6.63
CA VAL C 41 -1.77 9.21 5.56
C VAL C 41 -0.90 9.05 4.33
N ASP C 42 -0.88 7.85 3.77
CA ASP C 42 -0.20 7.63 2.53
C ASP C 42 -1.04 8.25 1.42
N VAL C 43 -0.40 9.05 0.59
CA VAL C 43 -1.06 9.57 -0.58
C VAL C 43 -0.85 8.45 -1.58
N CYS C 44 0.40 8.28 -1.99
CA CYS C 44 0.84 7.14 -2.81
C CYS C 44 2.36 7.21 -2.86
N HIS C 45 2.98 6.09 -3.24
CA HIS C 45 4.42 6.01 -3.22
C HIS C 45 4.92 5.39 -4.49
N SER C 46 4.06 5.39 -5.50
CA SER C 46 4.31 4.65 -6.72
C SER C 46 4.52 5.60 -7.88
N MET C 47 4.71 6.89 -7.60
CA MET C 47 4.91 7.82 -8.73
C MET C 47 6.18 7.41 -9.50
N THR C 48 6.18 7.67 -10.80
CA THR C 48 7.36 7.40 -11.62
C THR C 48 8.51 8.16 -10.98
N PRO C 49 9.57 7.44 -10.55
CA PRO C 49 10.69 8.10 -9.88
C PRO C 49 11.22 9.28 -10.69
N TRP C 50 11.49 10.40 -10.02
CA TRP C 50 12.15 11.58 -10.60
C TRP C 50 11.30 12.34 -11.59
N ASP C 51 10.05 11.90 -11.74
CA ASP C 51 9.13 12.57 -12.66
C ASP C 51 8.39 13.61 -11.85
N VAL C 52 8.92 14.83 -11.76
CA VAL C 52 8.35 15.83 -10.91
C VAL C 52 6.98 16.29 -11.37
N GLU C 53 6.73 16.24 -12.67
CA GLU C 53 5.44 16.65 -13.20
C GLU C 53 4.35 15.66 -12.85
N GLU C 54 4.69 14.38 -12.87
CA GLU C 54 3.73 13.36 -12.49
C GLU C 54 3.48 13.40 -11.01
N GLY C 55 4.53 13.52 -10.21
CA GLY C 55 4.39 13.69 -8.77
C GLY C 55 3.46 14.83 -8.41
N ALA C 56 3.59 15.94 -9.14
CA ALA C 56 2.77 17.13 -8.92
C ALA C 56 1.29 16.79 -8.98
N ARG C 57 0.90 15.92 -9.92
CA ARG C 57 -0.51 15.55 -10.12
C ARG C 57 -1.11 14.89 -8.89
N TYR C 58 -0.30 14.19 -8.12
CA TYR C 58 -0.81 13.43 -7.00
C TYR C 58 -1.00 14.26 -5.75
N ILE C 59 -0.58 15.52 -5.80
CA ILE C 59 -0.53 16.32 -4.59
C ILE C 59 -1.28 17.62 -4.73
N VAL C 60 -1.51 18.03 -5.97
CA VAL C 60 -2.08 19.33 -6.23
C VAL C 60 -3.50 19.50 -5.69
N ASP C 61 -4.30 18.43 -5.69
CA ASP C 61 -5.72 18.46 -5.37
CA ASP C 61 -5.67 18.73 -5.24
C ASP C 61 -5.99 18.06 -3.92
N LEU C 62 -4.94 17.76 -3.17
CA LEU C 62 -5.10 17.19 -1.86
C LEU C 62 -5.72 18.13 -0.81
N PRO C 63 -5.29 19.42 -0.75
CA PRO C 63 -5.66 20.20 0.44
C PRO C 63 -7.13 20.20 0.82
N ARG C 64 -8.03 20.37 -0.15
CA ARG C 64 -9.44 20.50 0.22
C ARG C 64 -10.01 19.25 0.88
N PHE C 65 -9.39 18.10 0.67
CA PHE C 65 -9.87 16.86 1.28
C PHE C 65 -9.37 16.66 2.69
N PHE C 66 -8.36 17.42 3.07
CA PHE C 66 -7.72 17.19 4.37
C PHE C 66 -8.10 18.19 5.44
N PRO C 67 -8.07 17.75 6.73
CA PRO C 67 -8.30 18.70 7.77
C PRO C 67 -7.25 19.78 7.73
N GLU C 68 -7.65 20.98 8.13
CA GLU C 68 -6.77 22.11 8.17
C GLU C 68 -5.62 21.78 9.09
N GLY C 69 -4.44 22.27 8.75
CA GLY C 69 -3.23 21.98 9.53
C GLY C 69 -2.48 20.76 9.02
N THR C 70 -3.02 20.09 8.00
CA THR C 70 -2.35 18.92 7.44
C THR C 70 -1.05 19.36 6.79
N VAL C 71 -0.02 18.54 6.95
CA VAL C 71 1.25 18.75 6.30
C VAL C 71 1.36 17.73 5.20
N PHE C 72 1.68 18.21 4.00
CA PHE C 72 1.90 17.33 2.88
C PHE C 72 3.39 17.17 2.70
N ALA C 73 3.85 15.97 3.01
CA ALA C 73 5.23 15.58 2.76
C ALA C 73 5.25 14.96 1.37
N THR C 74 5.82 15.66 0.40
CA THR C 74 5.69 15.25 -0.99
C THR C 74 7.05 15.25 -1.63
N THR C 75 7.48 14.09 -2.11
CA THR C 75 8.86 13.98 -2.53
C THR C 75 9.16 12.96 -3.62
N THR C 76 9.78 13.45 -4.69
CA THR C 76 10.72 12.66 -5.47
C THR C 76 11.99 13.47 -5.37
N TYR C 77 13.11 12.83 -5.05
CA TYR C 77 14.27 13.62 -4.68
C TYR C 77 15.53 13.16 -5.44
N PRO C 78 15.53 13.27 -6.80
CA PRO C 78 16.72 12.85 -7.56
C PRO C 78 18.00 13.64 -7.23
N ALA C 79 17.84 14.85 -6.65
CA ALA C 79 18.98 15.66 -6.19
C ALA C 79 19.33 15.37 -4.74
N THR C 80 18.86 14.24 -4.22
CA THR C 80 19.22 13.82 -2.87
C THR C 80 20.74 13.80 -2.69
N GLY C 81 21.21 14.24 -1.52
CA GLY C 81 22.63 14.18 -1.20
C GLY C 81 23.39 15.39 -1.73
N THR C 82 22.71 16.26 -2.47
CA THR C 82 23.36 17.48 -2.92
C THR C 82 23.13 18.59 -1.92
N THR C 83 23.64 19.78 -2.27
CA THR C 83 23.53 20.95 -1.42
C THR C 83 22.09 21.50 -1.46
N THR C 84 21.26 20.95 -2.36
CA THR C 84 19.85 21.33 -2.41
C THR C 84 19.16 21.13 -1.06
N ARG C 85 18.22 22.01 -0.78
CA ARG C 85 17.43 21.91 0.42
C ARG C 85 15.97 21.97 0.06
N SER C 86 15.15 21.27 0.83
CA SER C 86 13.71 21.28 0.61
C SER C 86 13.12 22.68 0.82
N VAL C 87 11.94 22.87 0.25
CA VAL C 87 11.15 24.06 0.47
C VAL C 87 9.95 23.63 1.29
N ALA C 88 9.59 24.45 2.28
CA ALA C 88 8.40 24.21 3.04
C ALA C 88 7.54 25.46 2.85
N VAL C 89 6.35 25.27 2.31
CA VAL C 89 5.47 26.39 1.98
C VAL C 89 4.13 26.22 2.65
N ARG C 90 3.60 27.33 3.14
CA ARG C 90 2.21 27.37 3.56
C ARG C 90 1.42 27.87 2.38
N ILE C 91 0.46 27.08 1.93
CA ILE C 91 -0.29 27.46 0.75
C ILE C 91 -1.35 28.45 1.17
N LYS C 92 -1.90 29.16 0.21
CA LYS C 92 -2.93 30.12 0.51
C LYS C 92 -4.32 29.49 0.43
N GLN C 93 -4.86 29.32 -0.77
CA GLN C 93 -6.21 28.83 -0.98
C GLN C 93 -6.14 27.32 -1.00
N ALA C 94 -6.99 26.68 -0.22
CA ALA C 94 -7.12 25.22 -0.28
C ALA C 94 -7.70 24.82 -1.61
N ALA C 95 -8.50 25.72 -2.18
CA ALA C 95 -8.94 25.66 -3.57
C ALA C 95 -9.94 24.56 -3.80
N LYS C 96 -11.04 24.94 -4.44
CA LYS C 96 -12.04 23.98 -4.87
C LYS C 96 -11.46 23.13 -6.01
N GLY C 97 -12.10 22.00 -6.30
CA GLY C 97 -11.65 21.14 -7.39
C GLY C 97 -12.77 20.32 -7.99
N GLY C 98 -12.40 19.32 -8.78
CA GLY C 98 -13.37 18.43 -9.39
C GLY C 98 -13.81 18.88 -10.78
N ALA C 99 -14.65 18.05 -11.41
CA ALA C 99 -15.25 18.39 -12.71
C ALA C 99 -15.93 19.76 -12.68
N ARG C 100 -16.49 20.12 -11.51
CA ARG C 100 -17.31 21.34 -11.38
C ARG C 100 -16.57 22.49 -10.69
N GLY C 101 -15.70 22.13 -9.73
CA GLY C 101 -15.01 23.14 -8.94
C GLY C 101 -15.79 23.43 -7.66
N GLN C 102 -15.61 22.58 -6.65
CA GLN C 102 -16.31 22.69 -5.37
C GLN C 102 -15.45 22.33 -4.15
N TRP C 103 -15.89 22.75 -2.95
CA TRP C 103 -15.40 22.18 -1.70
C TRP C 103 -15.82 20.72 -1.59
N ALA C 104 -14.94 19.92 -1.00
CA ALA C 104 -15.13 18.47 -0.87
C ALA C 104 -15.90 18.16 0.43
N GLY C 105 -16.61 17.05 0.44
CA GLY C 105 -17.29 16.62 1.64
C GLY C 105 -18.78 16.54 1.45
N SER C 106 -19.46 16.12 2.51
CA SER C 106 -20.90 15.98 2.52
C SER C 106 -21.54 17.38 2.48
N GLY C 107 -22.83 17.42 2.19
CA GLY C 107 -23.54 18.69 2.09
C GLY C 107 -22.90 19.56 1.03
N ALA C 108 -22.67 20.81 1.37
CA ALA C 108 -22.06 21.78 0.46
C ALA C 108 -20.55 21.69 0.49
N GLY C 109 -20.02 20.73 1.24
CA GLY C 109 -18.58 20.50 1.29
C GLY C 109 -18.02 21.19 2.50
N PHE C 110 -16.74 20.98 2.74
CA PHE C 110 -16.11 21.61 3.87
C PHE C 110 -15.20 22.69 3.37
N GLU C 111 -15.50 23.93 3.78
CA GLU C 111 -14.66 25.03 3.38
C GLU C 111 -13.42 24.96 4.19
N ARG C 112 -12.30 25.24 3.57
CA ARG C 112 -11.04 25.24 4.29
C ARG C 112 -10.52 26.66 4.38
N ALA C 113 -10.09 27.03 5.58
CA ALA C 113 -9.50 28.34 5.79
C ALA C 113 -8.25 28.48 4.93
N GLU C 114 -7.95 29.71 4.51
CA GLU C 114 -6.72 29.96 3.81
C GLU C 114 -5.53 29.75 4.73
N GLY C 115 -4.40 29.43 4.13
CA GLY C 115 -3.18 29.27 4.90
C GLY C 115 -3.20 28.05 5.81
N SER C 116 -4.00 27.05 5.46
CA SER C 116 -4.24 25.94 6.39
C SER C 116 -3.44 24.69 6.08
N TYR C 117 -2.52 24.75 5.13
CA TYR C 117 -1.74 23.57 4.72
C TYR C 117 -0.33 23.93 4.40
N ILE C 118 0.57 23.03 4.79
CA ILE C 118 1.97 23.17 4.51
C ILE C 118 2.36 22.04 3.58
N TYR C 119 3.08 22.39 2.52
CA TYR C 119 3.77 21.36 1.74
C TYR C 119 5.24 21.47 2.05
N ILE C 120 5.88 20.34 2.24
CA ILE C 120 7.33 20.33 2.29
C ILE C 120 7.79 19.34 1.23
N ALA C 121 8.67 19.80 0.37
CA ALA C 121 9.06 19.02 -0.80
C ALA C 121 10.46 19.41 -1.15
N PRO C 122 11.14 18.57 -1.95
CA PRO C 122 12.35 19.03 -2.57
C PRO C 122 12.03 20.32 -3.34
N ASN C 123 12.97 21.23 -3.35
CA ASN C 123 12.83 22.43 -4.15
C ASN C 123 13.26 22.10 -5.58
N ASN C 124 12.48 21.26 -6.24
CA ASN C 124 12.86 20.72 -7.55
C ASN C 124 11.71 20.88 -8.53
N GLY C 125 10.72 21.66 -8.13
CA GLY C 125 9.56 21.92 -8.97
C GLY C 125 8.38 21.06 -8.68
N LEU C 126 8.53 20.09 -7.79
CA LEU C 126 7.42 19.22 -7.46
C LEU C 126 6.15 20.02 -7.12
N LEU C 127 6.32 21.17 -6.49
CA LEU C 127 5.21 21.95 -5.97
C LEU C 127 4.68 22.94 -6.97
N THR C 128 5.20 22.90 -8.19
CA THR C 128 4.80 23.86 -9.22
C THR C 128 3.28 24.05 -9.27
N THR C 129 2.53 22.97 -9.46
CA THR C 129 1.11 23.16 -9.66
C THR C 129 0.40 23.40 -8.35
N VAL C 130 0.99 22.95 -7.23
CA VAL C 130 0.43 23.25 -5.91
C VAL C 130 0.47 24.77 -5.73
N LEU C 131 1.61 25.37 -6.05
CA LEU C 131 1.75 26.80 -5.90
C LEU C 131 0.88 27.57 -6.89
N GLU C 132 0.83 27.10 -8.14
CA GLU C 132 -0.06 27.68 -9.14
C GLU C 132 -1.51 27.69 -8.72
N GLU C 133 -1.99 26.53 -8.26
CA GLU C 133 -3.41 26.38 -7.99
C GLU C 133 -3.82 26.92 -6.64
N HIS C 134 -2.88 26.93 -5.70
CA HIS C 134 -3.21 27.30 -4.32
C HIS C 134 -2.63 28.62 -3.88
N GLY C 135 -1.59 29.06 -4.56
CA GLY C 135 -0.80 30.21 -4.11
C GLY C 135 -0.14 29.83 -2.81
N TYR C 136 0.64 30.74 -2.27
CA TYR C 136 1.26 30.50 -0.98
C TYR C 136 1.44 31.80 -0.23
N LEU C 137 1.54 31.64 1.08
CA LEU C 137 1.63 32.76 1.99
C LEU C 137 3.08 32.96 2.42
N GLU C 138 3.82 31.87 2.47
CA GLU C 138 5.20 31.93 2.91
C GLU C 138 5.89 30.65 2.48
N ALA C 139 7.18 30.77 2.19
CA ALA C 139 7.96 29.64 1.73
C ALA C 139 9.32 29.75 2.36
N TYR C 140 9.85 28.62 2.82
CA TYR C 140 11.12 28.62 3.52
C TYR C 140 11.98 27.48 3.04
N GLU C 141 13.28 27.73 3.01
CA GLU C 141 14.26 26.72 2.75
C GLU C 141 14.39 25.89 4.02
N VAL C 142 14.45 24.58 3.88
CA VAL C 142 14.49 23.70 5.03
C VAL C 142 15.94 23.36 5.34
N THR C 143 16.50 24.06 6.34
CA THR C 143 17.91 23.93 6.65
C THR C 143 18.19 23.74 8.12
N SER C 144 17.23 24.07 8.98
CA SER C 144 17.49 24.03 10.42
C SER C 144 17.76 22.62 10.91
N PRO C 145 18.85 22.43 11.68
CA PRO C 145 19.15 21.12 12.23
C PRO C 145 18.12 20.73 13.30
N LYS C 146 17.23 21.65 13.64
CA LYS C 146 16.10 21.32 14.48
C LYS C 146 15.11 20.46 13.73
N VAL C 147 15.11 20.58 12.40
CA VAL C 147 14.13 19.85 11.60
C VAL C 147 14.68 18.88 10.56
N ILE C 148 15.99 18.93 10.31
CA ILE C 148 16.64 17.94 9.43
C ILE C 148 17.90 17.41 10.12
N PRO C 149 18.41 16.24 9.69
CA PRO C 149 19.60 15.73 10.31
C PRO C 149 20.79 16.65 10.07
N GLU C 150 21.67 16.73 11.06
CA GLU C 150 22.95 17.40 10.87
C GLU C 150 23.78 16.67 9.83
N GLN C 151 23.65 15.35 9.80
CA GLN C 151 24.34 14.55 8.83
C GLN C 151 23.32 13.73 8.04
N PRO C 152 22.69 14.36 7.04
CA PRO C 152 21.62 13.66 6.34
C PRO C 152 22.19 12.54 5.51
N GLU C 153 21.47 11.42 5.48
CA GLU C 153 21.82 10.34 4.59
C GLU C 153 21.84 10.83 3.16
N PRO C 154 23.01 10.70 2.47
CA PRO C 154 23.14 11.28 1.14
C PRO C 154 22.07 10.80 0.17
N THR C 155 21.74 9.52 0.21
CA THR C 155 20.81 9.02 -0.80
C THR C 155 19.39 8.97 -0.30
N PHE C 156 19.09 9.56 0.86
CA PHE C 156 17.73 9.46 1.34
C PHE C 156 17.20 10.80 1.81
N TYR C 157 17.30 11.82 0.96
CA TYR C 157 16.76 13.12 1.31
C TYR C 157 15.24 13.09 1.45
N ALA C 158 14.57 12.14 0.80
CA ALA C 158 13.12 11.98 1.02
C ALA C 158 12.81 11.85 2.50
N ARG C 159 13.67 11.11 3.19
CA ARG C 159 13.50 10.90 4.62
C ARG C 159 14.01 12.11 5.37
N GLU C 160 15.25 12.51 5.06
CA GLU C 160 16.01 13.49 5.83
C GLU C 160 15.46 14.88 5.71
N MET C 161 15.07 15.25 4.49
CA MET C 161 14.73 16.64 4.14
C MET C 161 13.27 16.78 3.84
N VAL C 162 12.50 15.71 4.01
CA VAL C 162 11.07 15.82 3.80
C VAL C 162 10.31 15.16 4.93
N ALA C 163 10.47 13.85 5.10
CA ALA C 163 9.74 13.12 6.12
C ALA C 163 10.04 13.69 7.49
N ILE C 164 11.31 13.78 7.84
CA ILE C 164 11.70 14.28 9.17
C ILE C 164 11.15 15.68 9.43
N PRO C 165 11.51 16.67 8.58
CA PRO C 165 10.99 18.00 8.83
C PRO C 165 9.49 18.11 8.73
N SER C 166 8.84 17.30 7.89
CA SER C 166 7.37 17.35 7.86
C SER C 166 6.78 16.98 9.22
N ALA C 167 7.46 16.08 9.93
CA ALA C 167 6.98 15.61 11.23
C ALA C 167 7.15 16.71 12.29
N HIS C 168 8.24 17.47 12.19
CA HIS C 168 8.42 18.61 13.05
C HIS C 168 7.33 19.64 12.80
N LEU C 169 7.01 19.86 11.53
CA LEU C 169 5.97 20.80 11.16
C LEU C 169 4.63 20.34 11.68
N ALA C 170 4.34 19.08 11.49
CA ALA C 170 3.12 18.50 12.04
C ALA C 170 3.08 18.66 13.56
N ALA C 171 4.24 18.53 14.21
CA ALA C 171 4.36 18.64 15.66
C ALA C 171 4.24 20.09 16.16
N GLY C 172 4.17 21.06 15.25
CA GLY C 172 4.00 22.43 15.68
C GLY C 172 5.29 23.22 15.62
N PHE C 173 6.33 22.64 15.05
CA PHE C 173 7.54 23.42 14.84
C PHE C 173 7.16 24.61 13.95
N PRO C 174 7.55 25.85 14.34
CA PRO C 174 7.13 27.00 13.54
C PRO C 174 7.73 26.93 12.16
N LEU C 175 6.88 27.05 11.15
CA LEU C 175 7.33 26.96 9.77
C LEU C 175 8.46 27.93 9.44
N SER C 176 8.35 29.17 9.91
CA SER C 176 9.33 30.20 9.60
C SER C 176 10.70 29.90 10.21
N GLU C 177 10.74 28.94 11.12
CA GLU C 177 11.99 28.56 11.79
C GLU C 177 12.75 27.40 11.13
N VAL C 178 12.21 26.86 10.06
CA VAL C 178 12.91 25.75 9.39
C VAL C 178 14.10 26.26 8.57
N GLY C 179 14.11 27.55 8.27
CA GLY C 179 15.21 28.12 7.53
C GLY C 179 14.78 29.45 6.96
N ARG C 180 15.62 30.00 6.09
CA ARG C 180 15.40 31.35 5.57
C ARG C 180 14.23 31.38 4.60
N PRO C 181 13.54 32.53 4.55
CA PRO C 181 12.48 32.72 3.57
C PRO C 181 13.03 32.55 2.18
N LEU C 182 12.26 31.88 1.33
CA LEU C 182 12.61 31.81 -0.07
C LEU C 182 11.85 32.88 -0.82
N GLU C 183 12.56 33.62 -1.68
CA GLU C 183 11.90 34.49 -2.64
C GLU C 183 11.30 33.60 -3.71
N ASP C 184 10.26 34.10 -4.37
CA ASP C 184 9.50 33.32 -5.33
C ASP C 184 10.36 32.70 -6.42
N HIS C 185 11.32 33.47 -6.94
CA HIS C 185 12.22 32.98 -7.99
C HIS C 185 13.10 31.82 -7.50
N GLU C 186 13.24 31.69 -6.18
CA GLU C 186 14.08 30.64 -5.64
C GLU C 186 13.32 29.34 -5.52
N ILE C 187 12.03 29.39 -5.79
CA ILE C 187 11.24 28.18 -5.74
C ILE C 187 11.24 27.65 -7.14
N VAL C 188 11.90 26.51 -7.33
CA VAL C 188 12.04 25.95 -8.66
C VAL C 188 10.65 25.54 -9.19
N ARG C 189 10.39 25.86 -10.44
CA ARG C 189 9.16 25.42 -11.05
C ARG C 189 9.45 24.76 -12.37
N PHE C 190 8.57 23.83 -12.76
CA PHE C 190 8.64 23.24 -14.07
C PHE C 190 7.69 24.00 -14.97
N ASN C 191 8.01 24.01 -16.25
CA ASN C 191 7.14 24.63 -17.20
C ASN C 191 6.03 23.66 -17.49
N ARG C 192 4.80 24.12 -17.31
CA ARG C 192 3.66 23.28 -17.56
C ARG C 192 3.25 23.53 -19.01
N PRO C 193 3.35 22.48 -19.84
CA PRO C 193 3.07 22.61 -21.27
C PRO C 193 1.64 23.11 -21.46
N ALA C 194 1.49 24.09 -22.34
CA ALA C 194 0.20 24.72 -22.59
C ALA C 194 -0.69 23.83 -23.46
N VAL C 195 -2.00 23.90 -23.21
CA VAL C 195 -2.96 23.35 -24.16
C VAL C 195 -3.09 24.40 -25.25
N GLU C 196 -2.65 24.03 -26.45
CA GLU C 196 -2.65 24.97 -27.56
C GLU C 196 -3.94 24.87 -28.35
N GLN C 197 -4.29 25.95 -29.03
CA GLN C 197 -5.41 25.93 -29.95
C GLN C 197 -4.86 25.80 -31.37
N ASP C 198 -5.27 24.73 -32.06
CA ASP C 198 -4.93 24.50 -33.45
C ASP C 198 -6.22 24.55 -34.26
N GLY C 199 -6.59 25.76 -34.69
CA GLY C 199 -7.92 26.01 -35.22
C GLY C 199 -8.90 26.08 -34.07
N GLU C 200 -9.99 25.31 -34.18
CA GLU C 200 -11.01 25.23 -33.13
C GLU C 200 -10.65 24.13 -32.11
N ALA C 201 -9.80 23.21 -32.55
CA ALA C 201 -9.35 22.06 -31.74
C ALA C 201 -8.39 22.48 -30.64
N LEU C 202 -8.52 21.84 -29.48
CA LEU C 202 -7.60 22.05 -28.38
C LEU C 202 -6.64 20.90 -28.38
N VAL C 203 -5.35 21.21 -28.32
CA VAL C 203 -4.34 20.20 -28.47
C VAL C 203 -3.47 20.13 -27.23
N GLY C 204 -3.49 18.96 -26.60
CA GLY C 204 -2.76 18.71 -25.40
C GLY C 204 -2.13 17.34 -25.40
N VAL C 205 -2.00 16.77 -24.23
CA VAL C 205 -1.36 15.47 -24.13
C VAL C 205 -2.23 14.64 -23.20
N VAL C 206 -2.00 13.34 -23.26
CA VAL C 206 -2.49 12.45 -22.23
C VAL C 206 -1.62 12.73 -21.02
N SER C 207 -2.23 13.31 -19.99
CA SER C 207 -1.51 13.66 -18.77
C SER C 207 -1.24 12.47 -17.88
N ALA C 208 -2.15 11.49 -17.91
CA ALA C 208 -2.01 10.28 -17.12
C ALA C 208 -2.95 9.20 -17.60
N ILE C 209 -2.55 7.96 -17.39
CA ILE C 209 -3.50 6.86 -17.43
C ILE C 209 -4.00 6.71 -16.00
N ASP C 210 -5.32 6.72 -15.86
CA ASP C 210 -5.92 6.66 -14.55
C ASP C 210 -5.98 5.21 -14.12
N HIS C 211 -4.93 4.76 -13.45
CA HIS C 211 -4.86 3.38 -13.00
C HIS C 211 -5.77 3.24 -11.80
N PRO C 212 -6.37 2.04 -11.58
CA PRO C 212 -6.22 0.81 -12.36
C PRO C 212 -7.29 0.65 -13.40
N PHE C 213 -7.97 1.74 -13.74
CA PHE C 213 -9.09 1.66 -14.66
C PHE C 213 -8.72 1.74 -16.13
N GLY C 214 -7.56 2.33 -16.45
CA GLY C 214 -7.19 2.51 -17.86
C GLY C 214 -7.94 3.67 -18.47
N ASN C 215 -8.46 4.57 -17.62
CA ASN C 215 -9.08 5.79 -18.15
C ASN C 215 -7.95 6.69 -18.58
N VAL C 216 -8.25 7.52 -19.56
CA VAL C 216 -7.23 8.39 -20.13
C VAL C 216 -7.55 9.82 -19.77
N TRP C 217 -6.60 10.46 -19.10
CA TRP C 217 -6.73 11.83 -18.69
C TRP C 217 -5.87 12.70 -19.56
N THR C 218 -6.42 13.82 -19.98
CA THR C 218 -5.68 14.76 -20.79
C THR C 218 -5.40 15.99 -19.94
N ASN C 219 -4.54 16.87 -20.45
CA ASN C 219 -4.22 18.10 -19.72
C ASN C 219 -5.14 19.20 -20.20
N ILE C 220 -6.20 18.82 -20.92
CA ILE C 220 -7.21 19.76 -21.40
C ILE C 220 -8.24 19.92 -20.31
N HIS C 221 -8.26 21.11 -19.73
CA HIS C 221 -9.11 21.37 -18.60
C HIS C 221 -10.49 21.79 -19.10
N ARG C 222 -11.50 21.59 -18.25
CA ARG C 222 -12.85 22.11 -18.49
C ARG C 222 -12.79 23.58 -18.94
N THR C 223 -11.86 24.35 -18.35
CA THR C 223 -11.66 25.78 -18.72
C THR C 223 -11.14 25.92 -20.14
N ASP C 224 -10.29 25.00 -20.59
CA ASP C 224 -9.85 24.98 -21.98
C ASP C 224 -11.05 24.68 -22.87
N LEU C 225 -11.93 23.82 -22.35
CA LEU C 225 -13.15 23.45 -23.08
C LEU C 225 -14.16 24.60 -23.08
N GLU C 226 -14.37 25.22 -21.91
CA GLU C 226 -15.20 26.42 -21.77
C GLU C 226 -14.68 27.48 -22.73
N LYS C 227 -13.36 27.69 -22.67
CA LYS C 227 -12.67 28.65 -23.56
C LYS C 227 -12.82 28.33 -25.05
N ALA C 228 -13.33 27.14 -25.37
CA ALA C 228 -13.54 26.71 -26.76
C ALA C 228 -15.01 26.49 -27.11
N GLY C 229 -15.88 26.70 -26.13
CA GLY C 229 -17.31 26.49 -26.28
C GLY C 229 -17.71 25.02 -26.39
N ILE C 230 -17.30 24.25 -25.39
CA ILE C 230 -17.66 22.84 -25.29
C ILE C 230 -18.04 22.59 -23.82
N GLY C 231 -19.31 22.24 -23.56
CA GLY C 231 -19.83 21.83 -22.24
C GLY C 231 -20.47 20.46 -22.41
N TYR C 232 -21.02 19.90 -21.34
CA TYR C 232 -21.67 18.59 -21.43
C TYR C 232 -22.69 18.53 -22.55
N GLY C 233 -22.66 17.42 -23.29
CA GLY C 233 -23.60 17.18 -24.36
C GLY C 233 -22.98 17.42 -25.72
N ALA C 234 -21.88 18.17 -25.75
CA ALA C 234 -21.20 18.48 -27.01
C ALA C 234 -20.57 17.22 -27.60
N ARG C 235 -20.91 16.95 -28.85
CA ARG C 235 -20.31 15.85 -29.60
C ARG C 235 -18.85 16.12 -29.91
N LEU C 236 -17.98 15.31 -29.33
CA LEU C 236 -16.55 15.56 -29.48
C LEU C 236 -15.85 14.51 -30.32
N ARG C 237 -14.85 14.96 -31.07
CA ARG C 237 -13.85 14.05 -31.57
C ARG C 237 -12.57 14.25 -30.76
N LEU C 238 -12.14 13.17 -30.13
CA LEU C 238 -10.93 13.16 -29.34
C LEU C 238 -9.95 12.24 -30.03
N THR C 239 -8.87 12.79 -30.57
CA THR C 239 -7.87 11.94 -31.17
C THR C 239 -6.66 11.79 -30.27
N LEU C 240 -6.31 10.53 -30.04
CA LEU C 240 -5.18 10.20 -29.19
C LEU C 240 -4.02 9.71 -30.01
N ASP C 241 -2.82 10.05 -29.57
CA ASP C 241 -1.55 9.62 -30.18
C ASP C 241 -1.46 9.95 -31.68
N GLY C 242 -2.22 10.93 -32.14
CA GLY C 242 -2.20 11.24 -33.56
C GLY C 242 -2.43 9.99 -34.38
N VAL C 243 -3.03 8.98 -33.77
CA VAL C 243 -3.47 7.80 -34.53
C VAL C 243 -4.89 7.39 -34.15
N LEU C 244 -5.07 7.04 -32.88
CA LEU C 244 -6.32 6.47 -32.38
C LEU C 244 -7.41 7.54 -32.22
N PRO C 245 -8.46 7.48 -33.06
CA PRO C 245 -9.58 8.41 -32.98
C PRO C 245 -10.75 7.85 -32.15
N PHE C 246 -11.38 8.72 -31.34
CA PHE C 246 -12.58 8.41 -30.57
C PHE C 246 -13.60 9.53 -30.76
N GLU C 247 -14.90 9.20 -30.65
CA GLU C 247 -15.99 10.16 -30.79
C GLU C 247 -17.12 9.85 -29.82
N ALA C 248 -17.57 10.86 -29.09
CA ALA C 248 -18.62 10.71 -28.11
C ALA C 248 -19.03 12.10 -27.64
N PRO C 249 -20.25 12.24 -27.13
CA PRO C 249 -20.59 13.48 -26.47
C PRO C 249 -19.81 13.60 -25.18
N LEU C 250 -19.55 14.83 -24.76
CA LEU C 250 -19.00 15.07 -23.43
C LEU C 250 -20.09 14.78 -22.42
N THR C 251 -19.85 13.82 -21.53
CA THR C 251 -20.84 13.43 -20.54
C THR C 251 -20.24 13.55 -19.15
N PRO C 252 -21.08 13.71 -18.11
CA PRO C 252 -20.53 13.77 -16.76
C PRO C 252 -19.84 12.49 -16.29
N THR C 253 -20.27 11.35 -16.80
CA THR C 253 -19.76 10.10 -16.25
C THR C 253 -19.62 8.96 -17.24
N PHE C 254 -19.10 7.84 -16.78
CA PHE C 254 -18.81 6.68 -17.61
C PHE C 254 -20.07 5.99 -18.10
N ALA C 255 -21.01 5.78 -17.18
CA ALA C 255 -22.24 5.05 -17.50
C ALA C 255 -23.11 5.77 -18.53
N ASP C 256 -22.85 7.06 -18.71
CA ASP C 256 -23.52 7.86 -19.74
C ASP C 256 -23.25 7.35 -21.16
N ALA C 257 -22.16 6.58 -21.30
CA ALA C 257 -21.79 5.98 -22.57
C ALA C 257 -22.77 4.88 -23.01
N GLY C 258 -23.63 4.46 -22.08
CA GLY C 258 -24.59 3.41 -22.34
C GLY C 258 -23.98 2.06 -22.04
N GLU C 259 -23.87 1.23 -23.08
CA GLU C 259 -23.37 -0.13 -22.96
C GLU C 259 -22.01 -0.16 -22.28
N ILE C 260 -21.73 -1.24 -21.54
CA ILE C 260 -20.39 -1.49 -21.04
C ILE C 260 -19.42 -1.55 -22.22
N GLY C 261 -18.31 -0.84 -22.10
CA GLY C 261 -17.29 -0.84 -23.12
C GLY C 261 -17.39 0.35 -24.06
N ASN C 262 -18.54 1.03 -24.06
CA ASN C 262 -18.72 2.21 -24.90
C ASN C 262 -17.84 3.35 -24.46
N ILE C 263 -17.49 4.20 -25.41
CA ILE C 263 -16.60 5.33 -25.14
C ILE C 263 -17.33 6.40 -24.36
N ALA C 264 -16.73 6.77 -23.23
CA ALA C 264 -17.14 7.94 -22.50
C ALA C 264 -16.06 8.99 -22.62
N ILE C 265 -16.45 10.19 -23.08
CA ILE C 265 -15.61 11.37 -22.99
C ILE C 265 -16.25 12.25 -21.91
N TYR C 266 -15.47 12.64 -20.90
CA TYR C 266 -15.99 13.18 -19.68
C TYR C 266 -14.96 14.09 -19.06
N LEU C 267 -15.33 14.75 -17.96
CA LEU C 267 -14.39 15.48 -17.14
C LEU C 267 -14.13 14.67 -15.90
N ASN C 268 -12.86 14.40 -15.62
CA ASN C 268 -12.49 13.56 -14.48
C ASN C 268 -12.67 14.36 -13.18
N SER C 269 -12.44 13.71 -12.04
CA SER C 269 -12.64 14.29 -10.70
C SER C 269 -11.65 15.37 -10.38
N ARG C 270 -10.67 15.54 -11.26
CA ARG C 270 -9.68 16.58 -11.10
C ARG C 270 -9.98 17.72 -12.05
N GLY C 271 -11.06 17.59 -12.80
CA GLY C 271 -11.55 18.68 -13.65
C GLY C 271 -11.10 18.65 -15.11
N TYR C 272 -10.49 17.55 -15.56
CA TYR C 272 -9.90 17.56 -16.92
C TYR C 272 -10.61 16.63 -17.89
N LEU C 273 -10.59 17.03 -19.15
CA LEU C 273 -11.08 16.19 -20.22
C LEU C 273 -10.39 14.83 -20.21
N SER C 274 -11.20 13.80 -20.16
CA SER C 274 -10.71 12.47 -20.10
C SER C 274 -11.54 11.58 -21.01
N ILE C 275 -11.04 10.38 -21.26
CA ILE C 275 -11.75 9.45 -22.09
C ILE C 275 -11.56 8.07 -21.52
N ALA C 276 -12.60 7.27 -21.61
CA ALA C 276 -12.64 5.98 -20.96
C ALA C 276 -13.61 5.14 -21.73
N ARG C 277 -13.60 3.87 -21.42
CA ARG C 277 -14.71 3.02 -21.78
C ARG C 277 -15.59 2.89 -20.54
N ASN C 278 -16.88 2.66 -20.74
CA ASN C 278 -17.77 2.45 -19.63
C ASN C 278 -17.54 1.09 -19.01
N ALA C 279 -17.06 1.10 -17.77
CA ALA C 279 -16.70 -0.11 -17.02
C ALA C 279 -15.88 -1.10 -17.84
N ALA C 280 -14.90 -0.56 -18.57
CA ALA C 280 -13.91 -1.33 -19.27
C ALA C 280 -12.68 -0.44 -19.38
N SER C 281 -11.52 -1.05 -19.52
CA SER C 281 -10.32 -0.25 -19.65
C SER C 281 -10.12 0.19 -21.09
N LEU C 282 -9.91 1.49 -21.28
CA LEU C 282 -9.60 2.03 -22.59
C LEU C 282 -8.12 1.92 -22.88
N ALA C 283 -7.32 2.34 -21.91
CA ALA C 283 -5.89 2.53 -22.13
C ALA C 283 -5.17 1.21 -22.31
N TYR C 284 -5.54 0.22 -21.53
CA TYR C 284 -4.73 -0.99 -21.45
C TYR C 284 -4.75 -1.81 -22.73
N PRO C 285 -5.95 -2.14 -23.27
CA PRO C 285 -5.96 -2.97 -24.49
C PRO C 285 -5.23 -2.32 -25.64
N TYR C 286 -5.29 -0.99 -25.71
CA TYR C 286 -4.64 -0.20 -26.78
C TYR C 286 -3.28 0.33 -26.39
N HIS C 287 -2.85 0.04 -25.16
CA HIS C 287 -1.53 0.44 -24.73
C HIS C 287 -1.35 1.94 -24.86
N LEU C 288 -2.40 2.66 -24.45
CA LEU C 288 -2.34 4.11 -24.48
C LEU C 288 -1.52 4.54 -23.31
N LYS C 289 -0.77 5.63 -23.45
CA LYS C 289 0.16 6.04 -22.43
C LYS C 289 0.16 7.55 -22.21
N GLU C 290 0.56 7.93 -21.02
CA GLU C 290 0.88 9.31 -20.65
C GLU C 290 1.85 9.88 -21.69
N GLY C 291 1.61 11.11 -22.13
CA GLY C 291 2.49 11.78 -23.08
C GLY C 291 2.10 11.69 -24.54
N MET C 292 1.19 10.77 -24.87
CA MET C 292 0.58 10.73 -26.21
C MET C 292 -0.22 12.00 -26.40
N SER C 293 -0.23 12.52 -27.62
CA SER C 293 -0.98 13.71 -27.96
C SER C 293 -2.46 13.47 -27.74
N ALA C 294 -3.16 14.52 -27.38
CA ALA C 294 -4.58 14.47 -27.19
C ALA C 294 -5.11 15.69 -27.88
N ARG C 295 -5.82 15.43 -28.97
CA ARG C 295 -6.44 16.47 -29.71
C ARG C 295 -7.93 16.24 -29.58
N VAL C 296 -8.64 17.30 -29.25
CA VAL C 296 -10.08 17.23 -29.18
C VAL C 296 -10.62 18.31 -30.09
N GLU C 297 -11.65 17.94 -30.85
CA GLU C 297 -12.40 18.89 -31.66
C GLU C 297 -13.88 18.57 -31.57
N ALA C 298 -14.69 19.61 -31.71
CA ALA C 298 -16.13 19.45 -31.89
C ALA C 298 -16.40 19.22 -33.38
#